data_4U9I
#
_entry.id   4U9I
#
_cell.length_a   63.850
_cell.length_b   99.690
_cell.length_c   122.190
_cell.angle_alpha   90.00
_cell.angle_beta   90.00
_cell.angle_gamma   90.00
#
_symmetry.space_group_name_H-M   'P 21 21 21'
#
loop_
_entity.id
_entity.type
_entity.pdbx_description
1 polymer 'Periplasmic [NiFe] hydrogenase small subunit'
2 polymer 'Periplasmic [NiFe] hydrogenase large subunit'
3 non-polymer 'IRON/SULFUR CLUSTER'
4 non-polymer 'FE3-S4 CLUSTER'
5 non-polymer (4S)-2-METHYL-2,4-PENTANEDIOL
6 non-polymer hydrido[hydridonickel(2+)]bis(hydrocyanato-1kappaC)(hydroxymethyl)iron
7 non-polymer 'MAGNESIUM ION'
8 non-polymer 2-AMINO-2-HYDROXYMETHYL-PROPANE-1,3-DIOL
9 water water
#
loop_
_entity_poly.entity_id
_entity_poly.type
_entity_poly.pdbx_seq_one_letter_code
_entity_poly.pdbx_strand_id
1 'polypeptide(L)'
;GPRRPSVVYLHNAECTGCSESVLRAFEPYIDTLILDTLSLDYHETIMAAAGDAAEAALEQAVNSPHGFIAVVEGGIPTAA
NGIYGKVANHTMLDICSRILPKAQAVIAYGTCATFGGVQAAKPNPTGAKGVNDALKHLGVKAINIAGCPPNPYNLVGTIV
YYLKNKAAPELDSLNRPTMFFGQTVHEQCPRLPHFDAGEFAPSFESEEARKGWCLYELGCKGPVTMNNCPKIKFNQTNWP
VDAGHPCIGCSEPDFWDAMTPFYQN
;
S
2 'polypeptide(L)'
;SYSGPIVVDPVTRIEGHLRIEVEVENGKVKNAYSSSTLFRGLEIILKGRDPRDAQHFTQRTCGVCTYTHALASTRCVDNA
VGVHIPKNATYIRNLVLGAQYLHDHIVHFYHLHALDFVDVTAALKADPAKAAKVASSISPRKTTAADLKAVQDKLKTFVE
SGQLGPFTNAYFLGGHPAYYLDPETNLIATAHYLEALRLQVKAARAMAVFGAKNPHTQFTVVGGVTCYDALTPQRIAEFE
ALWKETKAFVDEVYIPDLLVVAAAYKDWTQYGGTDNFITFGEFPKDEYDLNSRFFKPGVVFKRDFKNIKPFDKMQIEEHV
RHSWYEGAEARHPWKGQTQPKYTDLHGDDRYSWMKAPRYMGEPMETGPLAQVLIAYSQGHPKVKAVTDAVLAKLGVGPEA
LFSTLGRTAARGIETAVIAEYVGVMLQEYKDNIAKGDNVICAPWEMPKQAEGVGFVNAPRGGLSHWIRIEDGKIGNFQLV
VPSTWTLGPRCDKNKLSPVEASLIGTPVADAKRPVEILRTVHSFDPCIACGVH
;
L
#
loop_
_chem_comp.id
_chem_comp.type
_chem_comp.name
_chem_comp.formula
F3S non-polymer 'FE3-S4 CLUSTER' 'Fe3 S4'
MG non-polymer 'MAGNESIUM ION' 'Mg 2'
MPD non-polymer (4S)-2-METHYL-2,4-PENTANEDIOL 'C6 H14 O2'
NWN non-polymer hydrido[hydridonickel(2+)]bis(hydrocyanato-1kappaC)(hydroxymethyl)iron 'C3 H4 Fe N2 Ni O 1'
SF4 non-polymer 'IRON/SULFUR CLUSTER' 'Fe4 S4'
TRS non-polymer 2-AMINO-2-HYDROXYMETHYL-PROPANE-1,3-DIOL 'C4 H12 N O3 1'
#
# COMPACT_ATOMS: atom_id res chain seq x y z
N GLY A 1 -20.60 22.60 17.02
CA GLY A 1 -19.20 22.99 16.90
C GLY A 1 -19.03 23.99 15.76
N PRO A 2 -17.89 24.66 15.71
CA PRO A 2 -17.68 25.58 14.59
C PRO A 2 -17.49 24.83 13.28
N ARG A 3 -17.68 25.51 12.17
CA ARG A 3 -17.39 24.90 10.87
C ARG A 3 -15.91 24.55 10.79
N ARG A 4 -15.64 23.38 10.25
CA ARG A 4 -14.28 22.94 10.09
C ARG A 4 -13.75 23.32 8.70
N PRO A 5 -12.46 23.67 8.62
CA PRO A 5 -11.88 24.06 7.34
C PRO A 5 -11.82 22.91 6.38
N SER A 6 -12.14 23.18 5.13
CA SER A 6 -12.19 22.16 4.09
C SER A 6 -10.81 21.83 3.54
N VAL A 7 -10.55 20.52 3.43
CA VAL A 7 -9.34 19.99 2.83
C VAL A 7 -9.72 19.10 1.65
N VAL A 8 -9.09 19.37 0.51
CA VAL A 8 -9.17 18.55 -0.71
C VAL A 8 -7.79 17.91 -0.87
N TYR A 9 -7.75 16.58 -0.87
CA TYR A 9 -6.51 15.84 -0.92
C TYR A 9 -6.46 15.15 -2.28
N LEU A 10 -5.44 15.49 -3.10
CA LEU A 10 -5.32 14.97 -4.46
C LEU A 10 -4.19 13.97 -4.56
N HIS A 11 -4.39 12.94 -5.39
CA HIS A 11 -3.37 11.94 -5.67
C HIS A 11 -3.02 11.98 -7.16
N ASN A 12 -1.77 12.34 -7.44
CA ASN A 12 -1.25 12.39 -8.81
C ASN A 12 -0.43 11.13 -9.08
N ALA A 13 0.83 11.26 -9.50
CA ALA A 13 1.74 10.14 -9.71
C ALA A 13 2.43 9.85 -8.40
N GLU A 14 1.92 8.84 -7.68
CA GLU A 14 2.24 8.62 -6.28
C GLU A 14 2.17 7.14 -5.96
N CYS A 15 2.77 6.78 -4.82
CA CYS A 15 2.78 5.41 -4.35
C CYS A 15 1.83 5.20 -3.16
N THR A 16 1.24 6.29 -2.67
CA THR A 16 0.31 6.28 -1.53
C THR A 16 1.02 6.15 -0.20
N GLY A 17 2.35 6.13 -0.21
CA GLY A 17 3.11 6.20 1.02
C GLY A 17 2.93 7.49 1.78
N CYS A 18 2.74 8.61 1.08
CA CYS A 18 2.48 9.87 1.74
C CYS A 18 1.11 9.82 2.43
N SER A 19 0.09 9.29 1.77
CA SER A 19 -1.23 9.12 2.41
C SER A 19 -1.10 8.25 3.65
N GLU A 20 -0.38 7.15 3.54
CA GLU A 20 -0.17 6.26 4.66
C GLU A 20 0.54 6.97 5.81
N SER A 21 1.51 7.81 5.51
CA SER A 21 2.19 8.55 6.59
C SER A 21 1.20 9.37 7.42
N VAL A 22 0.21 9.97 6.75
CA VAL A 22 -0.75 10.83 7.46
C VAL A 22 -1.58 9.95 8.41
N LEU A 23 -1.89 8.72 8.00
CA LEU A 23 -2.58 7.79 8.88
C LEU A 23 -1.79 7.48 10.15
N ARG A 24 -0.46 7.67 10.13
CA ARG A 24 0.36 7.45 11.32
C ARG A 24 0.36 8.62 12.29
N ALA A 25 -0.40 9.66 12.01
CA ALA A 25 -0.43 10.86 12.87
C ALA A 25 -0.62 10.45 14.33
N PHE A 26 0.12 11.13 15.20
CA PHE A 26 0.12 10.82 16.62
C PHE A 26 -0.07 12.09 17.43
N GLU A 27 -1.10 12.13 18.26
N GLU A 27 -1.10 12.13 18.26
CA GLU A 27 -1.30 13.28 19.19
CA GLU A 27 -1.32 13.27 19.19
C GLU A 27 -1.15 14.64 18.49
C GLU A 27 -1.17 14.64 18.51
N PRO A 28 -2.09 14.99 17.60
CA PRO A 28 -3.36 14.30 17.32
C PRO A 28 -3.25 13.12 16.38
N TYR A 29 -4.14 12.14 16.58
CA TYR A 29 -4.32 11.03 15.68
C TYR A 29 -5.25 11.39 14.53
N ILE A 30 -5.30 10.51 13.53
CA ILE A 30 -6.05 10.80 12.34
C ILE A 30 -7.56 10.95 12.58
N ASP A 31 -8.11 10.22 13.57
CA ASP A 31 -9.52 10.39 13.85
C ASP A 31 -9.83 11.79 14.35
N THR A 32 -8.99 12.31 15.26
CA THR A 32 -9.14 13.69 15.72
C THR A 32 -9.02 14.69 14.55
N LEU A 33 -8.05 14.46 13.68
CA LEU A 33 -7.87 15.35 12.53
C LEU A 33 -9.12 15.41 11.63
N ILE A 34 -9.77 14.29 11.37
N ILE A 34 -9.71 14.25 11.38
CA ILE A 34 -10.87 14.32 10.41
CA ILE A 34 -10.86 14.08 10.47
C ILE A 34 -12.23 14.55 11.08
C ILE A 34 -12.19 14.54 11.09
N LEU A 35 -12.33 14.32 12.39
CA LEU A 35 -13.59 14.59 13.10
C LEU A 35 -13.64 16.00 13.71
N ASP A 36 -12.51 16.49 14.21
CA ASP A 36 -12.45 17.75 14.96
C ASP A 36 -11.69 18.87 14.27
N THR A 37 -10.52 18.59 13.70
CA THR A 37 -9.64 19.67 13.24
C THR A 37 -10.02 20.20 11.87
N LEU A 38 -10.36 19.27 10.99
CA LEU A 38 -10.54 19.52 9.57
C LEU A 38 -11.80 18.87 9.06
N SER A 39 -12.20 19.25 7.84
CA SER A 39 -13.23 18.53 7.10
C SER A 39 -12.55 17.96 5.85
N LEU A 40 -12.28 16.66 5.86
CA LEU A 40 -11.61 16.00 4.76
C LEU A 40 -12.63 15.68 3.70
N ASP A 41 -12.70 16.54 2.69
CA ASP A 41 -13.82 16.57 1.76
C ASP A 41 -13.63 15.79 0.47
N TYR A 42 -12.40 15.38 0.21
CA TYR A 42 -12.06 14.50 -0.91
C TYR A 42 -10.74 13.84 -0.59
N HIS A 43 -10.69 12.51 -0.73
CA HIS A 43 -9.47 11.73 -0.50
C HIS A 43 -9.72 10.33 -1.06
N GLU A 44 -9.14 10.04 -2.23
CA GLU A 44 -9.49 8.80 -2.94
C GLU A 44 -9.21 7.54 -2.14
N THR A 45 -8.26 7.55 -1.22
CA THR A 45 -7.90 6.34 -0.49
C THR A 45 -8.98 5.89 0.48
N ILE A 46 -9.69 6.83 1.12
CA ILE A 46 -10.57 6.47 2.23
C ILE A 46 -12.01 6.90 2.01
N MET A 47 -12.30 7.75 1.02
CA MET A 47 -13.66 8.28 0.90
C MET A 47 -14.67 7.20 0.49
N ALA A 48 -15.91 7.38 0.97
CA ALA A 48 -16.96 6.43 0.69
C ALA A 48 -17.41 6.44 -0.78
N ALA A 49 -17.63 7.62 -1.34
CA ALA A 49 -18.11 7.74 -2.71
C ALA A 49 -17.03 7.29 -3.69
N ALA A 50 -17.48 6.77 -4.84
CA ALA A 50 -16.63 6.44 -5.95
C ALA A 50 -17.20 7.05 -7.24
N GLY A 51 -16.42 7.03 -8.31
CA GLY A 51 -16.92 7.40 -9.62
C GLY A 51 -17.52 8.78 -9.65
N ASP A 52 -18.66 8.87 -10.32
CA ASP A 52 -19.34 10.15 -10.50
C ASP A 52 -19.66 10.84 -9.16
N ALA A 53 -20.04 10.02 -8.18
CA ALA A 53 -20.35 10.54 -6.86
C ALA A 53 -19.11 11.19 -6.19
N ALA A 54 -17.97 10.56 -6.39
CA ALA A 54 -16.69 11.11 -5.91
C ALA A 54 -16.34 12.41 -6.65
N GLU A 55 -16.51 12.42 -7.97
N GLU A 55 -16.53 12.42 -7.96
CA GLU A 55 -16.25 13.65 -8.76
CA GLU A 55 -16.23 13.62 -8.76
C GLU A 55 -17.13 14.79 -8.25
C GLU A 55 -17.14 14.79 -8.35
N ALA A 56 -18.38 14.47 -7.99
CA ALA A 56 -19.33 15.49 -7.50
C ALA A 56 -18.89 16.01 -6.13
N ALA A 57 -18.40 15.11 -5.27
CA ALA A 57 -17.90 15.55 -3.97
C ALA A 57 -16.72 16.52 -4.12
N LEU A 58 -15.84 16.23 -5.06
CA LEU A 58 -14.70 17.09 -5.34
C LEU A 58 -15.18 18.48 -5.81
N GLU A 59 -16.12 18.52 -6.77
CA GLU A 59 -16.65 19.79 -7.26
C GLU A 59 -17.27 20.59 -6.12
N GLN A 60 -18.03 19.92 -5.28
N GLN A 60 -18.04 19.93 -5.26
CA GLN A 60 -18.72 20.53 -4.15
CA GLN A 60 -18.73 20.59 -4.16
C GLN A 60 -17.72 21.26 -3.24
C GLN A 60 -17.70 21.29 -3.25
N ALA A 61 -16.62 20.59 -2.96
CA ALA A 61 -15.61 21.13 -2.06
C ALA A 61 -14.85 22.28 -2.71
N VAL A 62 -14.46 22.13 -3.95
CA VAL A 62 -13.62 23.12 -4.61
C VAL A 62 -14.36 24.45 -4.79
N ASN A 63 -15.67 24.36 -4.97
CA ASN A 63 -16.44 25.58 -5.26
C ASN A 63 -17.09 26.19 -4.03
N SER A 64 -16.75 25.67 -2.87
CA SER A 64 -17.24 26.26 -1.62
C SER A 64 -16.83 27.72 -1.39
N PRO A 65 -17.80 28.58 -1.05
CA PRO A 65 -17.44 29.95 -0.68
C PRO A 65 -16.58 30.09 0.58
N HIS A 66 -16.48 29.03 1.38
CA HIS A 66 -15.58 29.04 2.52
C HIS A 66 -14.12 28.90 2.13
N GLY A 67 -13.86 28.49 0.90
CA GLY A 67 -12.50 28.18 0.50
C GLY A 67 -12.08 26.78 0.93
N PHE A 68 -10.96 26.33 0.39
CA PHE A 68 -10.38 25.05 0.77
C PHE A 68 -8.84 25.13 0.75
N ILE A 69 -8.25 24.20 1.50
CA ILE A 69 -6.84 23.90 1.47
C ILE A 69 -6.65 22.67 0.60
N ALA A 70 -5.70 22.74 -0.33
CA ALA A 70 -5.33 21.55 -1.13
C ALA A 70 -4.09 20.91 -0.55
N VAL A 71 -4.14 19.60 -0.31
CA VAL A 71 -2.96 18.80 0.00
C VAL A 71 -2.74 17.90 -1.18
N VAL A 72 -1.55 17.93 -1.76
CA VAL A 72 -1.27 17.25 -3.03
C VAL A 72 -0.15 16.24 -2.83
N GLU A 73 -0.44 14.99 -3.20
CA GLU A 73 0.50 13.88 -3.15
C GLU A 73 0.79 13.45 -4.58
N GLY A 74 2.06 13.28 -4.89
CA GLY A 74 2.47 12.83 -6.19
C GLY A 74 2.92 13.89 -7.15
N GLY A 75 3.79 13.48 -8.08
CA GLY A 75 4.22 14.35 -9.15
C GLY A 75 3.16 14.47 -10.23
N ILE A 76 3.28 15.52 -11.04
CA ILE A 76 2.35 15.74 -12.15
C ILE A 76 3.02 15.29 -13.45
N PRO A 77 2.50 14.23 -14.11
CA PRO A 77 3.09 13.84 -15.40
C PRO A 77 2.74 14.88 -16.45
N THR A 78 3.72 15.40 -17.17
CA THR A 78 3.48 16.42 -18.17
C THR A 78 3.81 16.03 -19.59
N ALA A 79 4.52 14.93 -19.77
CA ALA A 79 4.86 14.47 -21.12
C ALA A 79 3.59 14.11 -21.88
N ALA A 80 3.66 14.30 -23.20
CA ALA A 80 2.56 13.89 -24.09
C ALA A 80 1.24 14.48 -23.60
N ASN A 81 1.27 15.76 -23.24
CA ASN A 81 0.08 16.49 -22.84
C ASN A 81 -0.59 15.90 -21.60
N GLY A 82 0.19 15.18 -20.79
CA GLY A 82 -0.27 14.72 -19.49
C GLY A 82 -0.90 13.34 -19.47
N ILE A 83 -0.89 12.62 -20.59
CA ILE A 83 -1.73 11.42 -20.70
C ILE A 83 -1.25 10.23 -19.86
N TYR A 84 -0.05 10.31 -19.27
CA TYR A 84 0.42 9.20 -18.47
C TYR A 84 -0.28 9.07 -17.13
N GLY A 85 -1.04 10.08 -16.73
CA GLY A 85 -1.85 9.98 -15.52
C GLY A 85 -3.16 10.69 -15.68
N LYS A 86 -4.23 9.92 -15.51
CA LYS A 86 -5.58 10.46 -15.58
C LYS A 86 -6.43 9.95 -14.41
N VAL A 87 -7.38 10.79 -13.99
CA VAL A 87 -8.40 10.44 -13.00
C VAL A 87 -9.74 10.89 -13.62
N ALA A 88 -10.74 10.01 -13.63
CA ALA A 88 -12.04 10.34 -14.26
C ALA A 88 -11.84 10.81 -15.70
N ASN A 89 -10.83 10.23 -16.35
CA ASN A 89 -10.49 10.50 -17.74
C ASN A 89 -10.07 11.94 -18.05
N HIS A 90 -9.61 12.65 -17.02
CA HIS A 90 -8.95 13.95 -17.13
C HIS A 90 -7.48 13.79 -16.74
N THR A 91 -6.57 14.45 -17.44
CA THR A 91 -5.20 14.37 -17.06
C THR A 91 -5.00 15.02 -15.68
N MET A 92 -4.05 14.48 -14.94
CA MET A 92 -3.67 15.05 -13.63
C MET A 92 -3.19 16.49 -13.80
N LEU A 93 -2.49 16.78 -14.90
CA LEU A 93 -2.12 18.13 -15.24
C LEU A 93 -3.31 19.08 -15.33
N ASP A 94 -4.34 18.63 -16.03
N ASP A 94 -4.34 18.66 -16.05
CA ASP A 94 -5.55 19.42 -16.21
CA ASP A 94 -5.54 19.48 -16.18
C ASP A 94 -6.30 19.59 -14.90
C ASP A 94 -6.26 19.62 -14.85
N ILE A 95 -6.42 18.51 -14.12
CA ILE A 95 -7.08 18.55 -12.82
C ILE A 95 -6.41 19.55 -11.90
N CYS A 96 -5.10 19.45 -11.77
CA CYS A 96 -4.37 20.32 -10.87
C CYS A 96 -4.38 21.77 -11.37
N SER A 97 -4.33 21.95 -12.69
CA SER A 97 -4.39 23.29 -13.31
C SER A 97 -5.70 23.98 -13.01
N ARG A 98 -6.78 23.22 -12.95
CA ARG A 98 -8.10 23.80 -12.67
C ARG A 98 -8.34 24.04 -11.20
N ILE A 99 -7.89 23.11 -10.35
CA ILE A 99 -8.22 23.15 -8.93
C ILE A 99 -7.25 23.99 -8.11
N LEU A 100 -5.95 23.78 -8.31
CA LEU A 100 -4.98 24.38 -7.39
C LEU A 100 -4.98 25.91 -7.38
N PRO A 101 -5.18 26.58 -8.54
CA PRO A 101 -5.25 28.06 -8.44
C PRO A 101 -6.43 28.59 -7.64
N LYS A 102 -7.43 27.75 -7.37
CA LYS A 102 -8.63 28.13 -6.63
C LYS A 102 -8.44 27.96 -5.11
N ALA A 103 -7.40 27.23 -4.70
CA ALA A 103 -7.22 26.91 -3.29
C ALA A 103 -6.77 28.16 -2.51
N GLN A 104 -7.16 28.24 -1.25
CA GLN A 104 -6.67 29.30 -0.38
C GLN A 104 -5.23 29.06 0.00
N ALA A 105 -4.83 27.79 0.06
CA ALA A 105 -3.47 27.38 0.35
C ALA A 105 -3.26 26.01 -0.29
N VAL A 106 -2.04 25.79 -0.78
CA VAL A 106 -1.64 24.52 -1.34
C VAL A 106 -0.42 24.00 -0.59
N ILE A 107 -0.52 22.77 -0.12
CA ILE A 107 0.58 22.06 0.49
C ILE A 107 0.97 20.88 -0.43
N ALA A 108 2.17 20.90 -0.95
CA ALA A 108 2.73 19.79 -1.71
C ALA A 108 3.38 18.87 -0.67
N TYR A 109 2.83 17.66 -0.54
CA TYR A 109 3.21 16.74 0.51
C TYR A 109 3.93 15.54 -0.09
N GLY A 110 5.20 15.40 0.25
CA GLY A 110 6.09 14.37 -0.25
C GLY A 110 6.97 14.89 -1.38
N THR A 111 8.18 14.32 -1.43
CA THR A 111 9.15 14.66 -2.46
C THR A 111 8.64 14.59 -3.90
N CYS A 112 7.72 13.67 -4.18
CA CYS A 112 7.11 13.66 -5.50
C CYS A 112 6.35 14.95 -5.82
N ALA A 113 5.42 15.31 -4.94
CA ALA A 113 4.66 16.55 -5.13
C ALA A 113 5.55 17.79 -5.06
N THR A 114 6.56 17.77 -4.20
CA THR A 114 7.38 18.97 -4.02
C THR A 114 8.33 19.18 -5.21
N PHE A 115 9.02 18.10 -5.59
CA PHE A 115 10.18 18.19 -6.49
C PHE A 115 10.13 17.25 -7.69
N GLY A 116 9.12 16.39 -7.80
CA GLY A 116 9.00 15.46 -8.90
C GLY A 116 9.13 14.00 -8.53
N GLY A 117 10.07 13.71 -7.64
CA GLY A 117 10.11 12.38 -7.03
C GLY A 117 10.55 11.23 -7.94
N VAL A 118 10.13 10.05 -7.54
CA VAL A 118 10.75 8.85 -8.08
C VAL A 118 10.50 8.73 -9.60
N GLN A 119 9.29 9.08 -10.04
CA GLN A 119 8.98 8.98 -11.46
C GLN A 119 9.68 10.06 -12.29
N ALA A 120 10.20 11.10 -11.63
CA ALA A 120 10.95 12.15 -12.32
C ALA A 120 12.44 11.83 -12.44
N ALA A 121 12.89 10.74 -11.83
CA ALA A 121 14.28 10.32 -11.95
C ALA A 121 14.58 9.95 -13.41
N LYS A 122 15.86 10.11 -13.79
CA LYS A 122 16.23 9.91 -15.18
C LYS A 122 15.79 8.53 -15.66
N PRO A 123 15.27 8.42 -16.90
CA PRO A 123 15.12 9.45 -17.94
C PRO A 123 13.73 10.10 -17.93
N ASN A 124 13.00 9.99 -16.83
CA ASN A 124 11.73 10.68 -16.65
C ASN A 124 10.80 10.48 -17.84
N PRO A 125 10.40 9.23 -18.07
CA PRO A 125 9.63 8.98 -19.30
C PRO A 125 8.28 9.69 -19.32
N THR A 126 7.70 9.97 -18.14
CA THR A 126 6.39 10.63 -18.10
C THR A 126 6.46 12.14 -17.95
N GLY A 127 7.67 12.72 -17.97
CA GLY A 127 7.81 14.16 -17.79
C GLY A 127 7.20 14.65 -16.48
N ALA A 128 7.42 13.89 -15.41
CA ALA A 128 6.88 14.25 -14.11
C ALA A 128 7.57 15.48 -13.52
N LYS A 129 6.78 16.36 -12.91
CA LYS A 129 7.26 17.57 -12.27
C LYS A 129 6.60 17.74 -10.94
N GLY A 130 7.29 18.41 -10.01
CA GLY A 130 6.66 18.88 -8.81
C GLY A 130 5.62 19.94 -9.09
N VAL A 131 4.75 20.18 -8.11
CA VAL A 131 3.64 21.11 -8.26
C VAL A 131 4.08 22.50 -8.70
N ASN A 132 5.03 23.09 -7.97
CA ASN A 132 5.41 24.45 -8.29
C ASN A 132 6.07 24.59 -9.65
N ASP A 133 6.86 23.59 -10.04
CA ASP A 133 7.46 23.59 -11.35
C ASP A 133 6.42 23.45 -12.44
N ALA A 134 5.50 22.51 -12.26
CA ALA A 134 4.48 22.24 -13.27
C ALA A 134 3.54 23.42 -13.48
N LEU A 135 3.19 24.12 -12.40
CA LEU A 135 2.10 25.09 -12.42
C LEU A 135 2.57 26.52 -12.20
N LYS A 136 3.86 26.73 -12.36
CA LYS A 136 4.43 28.07 -12.18
C LYS A 136 3.77 29.09 -13.12
N HIS A 137 3.37 28.66 -14.31
CA HIS A 137 2.75 29.58 -15.28
C HIS A 137 1.36 30.06 -14.77
N LEU A 138 0.80 29.37 -13.77
CA LEU A 138 -0.52 29.70 -13.24
C LEU A 138 -0.45 30.42 -11.88
N GLY A 139 0.78 30.65 -11.41
CA GLY A 139 1.01 31.36 -10.17
C GLY A 139 0.76 30.53 -8.93
N VAL A 140 0.70 29.22 -9.05
CA VAL A 140 0.55 28.36 -7.87
C VAL A 140 1.84 28.32 -7.10
N LYS A 141 1.74 28.53 -5.79
CA LYS A 141 2.92 28.55 -4.90
C LYS A 141 2.66 27.68 -3.68
N ALA A 142 3.00 26.41 -3.80
CA ALA A 142 2.75 25.45 -2.74
C ALA A 142 3.83 25.50 -1.67
N ILE A 143 3.41 25.33 -0.41
CA ILE A 143 4.33 25.02 0.68
C ILE A 143 4.79 23.58 0.45
N ASN A 144 6.11 23.36 0.43
CA ASN A 144 6.68 22.07 0.16
C ASN A 144 7.09 21.34 1.46
N ILE A 145 6.47 20.21 1.72
N ILE A 145 6.43 20.23 1.73
CA ILE A 145 6.81 19.37 2.84
CA ILE A 145 6.77 19.35 2.84
C ILE A 145 7.44 18.09 2.29
C ILE A 145 7.43 18.11 2.24
N ALA A 146 8.76 18.09 2.24
CA ALA A 146 9.51 17.05 1.55
C ALA A 146 9.81 15.85 2.43
N GLY A 147 10.25 14.78 1.77
CA GLY A 147 10.50 13.49 2.37
C GLY A 147 9.74 12.42 1.59
N CYS A 148 10.20 11.17 1.73
CA CYS A 148 9.71 10.05 0.91
C CYS A 148 9.38 8.82 1.75
N PRO A 149 8.30 8.90 2.56
CA PRO A 149 7.44 10.07 2.78
C PRO A 149 7.95 11.01 3.87
N PRO A 150 7.35 12.20 3.94
CA PRO A 150 7.72 13.12 5.04
C PRO A 150 7.29 12.59 6.37
N ASN A 151 7.82 13.24 7.41
CA ASN A 151 7.32 13.04 8.74
C ASN A 151 5.92 13.67 8.85
N PRO A 152 4.89 12.90 9.24
CA PRO A 152 3.55 13.51 9.32
C PRO A 152 3.45 14.62 10.38
N TYR A 153 4.35 14.62 11.35
CA TYR A 153 4.45 15.74 12.30
C TYR A 153 4.54 17.06 11.53
N ASN A 154 5.27 17.03 10.41
CA ASN A 154 5.57 18.24 9.66
C ASN A 154 4.34 18.72 8.88
N LEU A 155 3.51 17.76 8.42
CA LEU A 155 2.27 18.17 7.79
C LEU A 155 1.29 18.78 8.78
N VAL A 156 1.08 18.09 9.89
CA VAL A 156 0.10 18.57 10.86
C VAL A 156 0.58 19.92 11.42
N GLY A 157 1.88 20.08 11.71
CA GLY A 157 2.37 21.34 12.21
C GLY A 157 2.16 22.49 11.22
N THR A 158 2.35 22.22 9.94
CA THR A 158 2.12 23.23 8.92
C THR A 158 0.64 23.61 8.82
N ILE A 159 -0.24 22.62 8.85
CA ILE A 159 -1.66 22.89 8.76
C ILE A 159 -2.11 23.73 9.96
N VAL A 160 -1.72 23.32 11.16
CA VAL A 160 -2.07 24.04 12.36
C VAL A 160 -1.58 25.50 12.31
N TYR A 161 -0.35 25.67 11.83
CA TYR A 161 0.20 27.02 11.68
C TYR A 161 -0.66 27.85 10.75
N TYR A 162 -1.04 27.28 9.60
CA TYR A 162 -1.84 27.98 8.63
C TYR A 162 -3.23 28.33 9.19
N LEU A 163 -3.84 27.38 9.89
CA LEU A 163 -5.16 27.65 10.46
C LEU A 163 -5.13 28.78 11.48
N LYS A 164 -4.03 28.87 12.23
CA LYS A 164 -3.87 29.90 13.24
C LYS A 164 -3.57 31.26 12.62
N ASN A 165 -2.66 31.28 11.64
CA ASN A 165 -2.07 32.53 11.15
C ASN A 165 -2.52 32.97 9.76
N LYS A 166 -3.19 32.08 9.04
CA LYS A 166 -3.73 32.37 7.71
C LYS A 166 -2.60 32.78 6.78
N ALA A 167 -1.44 32.14 6.98
CA ALA A 167 -0.26 32.42 6.21
C ALA A 167 0.67 31.23 6.31
N ALA A 168 1.58 31.12 5.35
CA ALA A 168 2.63 30.10 5.43
C ALA A 168 3.62 30.51 6.51
N PRO A 169 4.24 29.55 7.19
CA PRO A 169 5.38 29.86 8.04
C PRO A 169 6.61 30.23 7.21
N GLU A 170 7.69 30.65 7.86
CA GLU A 170 8.91 30.96 7.14
C GLU A 170 9.34 29.74 6.32
N LEU A 171 9.67 29.98 5.06
CA LEU A 171 10.09 28.92 4.16
C LEU A 171 11.52 29.10 3.70
N ASP A 172 12.19 27.97 3.44
CA ASP A 172 13.54 27.98 2.91
C ASP A 172 13.53 28.18 1.39
N SER A 173 14.71 28.10 0.78
CA SER A 173 14.84 28.36 -0.64
C SER A 173 14.25 27.28 -1.54
N LEU A 174 13.78 26.18 -0.93
CA LEU A 174 13.01 25.12 -1.58
C LEU A 174 11.54 25.11 -1.15
N ASN A 175 11.09 26.24 -0.55
CA ASN A 175 9.74 26.43 -0.07
C ASN A 175 9.33 25.44 1.02
N ARG A 176 10.31 24.96 1.79
CA ARG A 176 10.05 24.07 2.92
C ARG A 176 10.07 24.85 4.22
N PRO A 177 9.17 24.53 5.17
CA PRO A 177 9.20 25.32 6.42
C PRO A 177 10.50 25.16 7.19
N THR A 178 11.13 26.28 7.51
CA THR A 178 12.38 26.27 8.28
C THR A 178 12.24 25.66 9.67
N MET A 179 11.04 25.69 10.24
CA MET A 179 10.88 25.10 11.57
C MET A 179 11.08 23.58 11.58
N PHE A 180 10.97 22.93 10.41
CA PHE A 180 11.18 21.49 10.27
C PHE A 180 12.43 21.14 9.46
N PHE A 181 12.79 21.98 8.48
CA PHE A 181 13.83 21.67 7.50
C PHE A 181 15.06 22.56 7.65
N GLY A 182 15.20 23.28 8.77
CA GLY A 182 16.28 24.24 8.96
C GLY A 182 17.65 23.68 9.28
N GLN A 183 17.70 22.42 9.69
CA GLN A 183 18.96 21.74 10.03
C GLN A 183 19.19 20.49 9.17
N THR A 184 20.46 20.22 8.90
CA THR A 184 20.78 18.96 8.26
C THR A 184 20.46 17.80 9.20
N VAL A 185 20.16 16.64 8.62
CA VAL A 185 20.03 15.41 9.40
C VAL A 185 21.32 15.18 10.21
N HIS A 186 22.46 15.35 9.55
CA HIS A 186 23.75 15.07 10.13
C HIS A 186 24.00 15.89 11.41
N GLU A 187 23.68 17.18 11.42
CA GLU A 187 24.04 17.98 12.57
C GLU A 187 23.23 17.59 13.80
N GLN A 188 22.17 16.82 13.60
CA GLN A 188 21.33 16.31 14.67
C GLN A 188 21.63 14.83 15.00
N CYS A 189 22.55 14.17 14.31
CA CYS A 189 22.71 12.73 14.40
C CYS A 189 23.48 12.30 15.65
N PRO A 190 23.02 11.25 16.32
CA PRO A 190 23.80 10.75 17.46
C PRO A 190 25.22 10.29 17.12
N ARG A 191 25.46 9.94 15.85
CA ARG A 191 26.78 9.46 15.49
C ARG A 191 27.75 10.55 15.11
N LEU A 192 27.30 11.82 15.20
CA LEU A 192 28.13 12.94 14.79
C LEU A 192 29.50 12.95 15.46
N PRO A 193 29.60 12.59 16.76
CA PRO A 193 30.94 12.59 17.36
C PRO A 193 31.86 11.56 16.70
N HIS A 194 31.30 10.48 16.15
CA HIS A 194 32.12 9.54 15.44
C HIS A 194 32.58 10.11 14.09
N PHE A 195 31.67 10.72 13.34
CA PHE A 195 32.06 11.39 12.09
C PHE A 195 33.22 12.34 12.34
N ASP A 196 33.06 13.15 13.39
N ASP A 196 33.10 13.24 13.31
CA ASP A 196 33.99 14.22 13.70
CA ASP A 196 34.17 14.24 13.49
C ASP A 196 35.34 13.67 14.15
C ASP A 196 35.37 13.71 14.27
N ALA A 197 35.35 12.45 14.68
CA ALA A 197 36.57 11.77 15.12
C ALA A 197 37.10 10.82 14.05
N GLY A 198 36.49 10.80 12.86
CA GLY A 198 36.97 9.92 11.81
C GLY A 198 36.72 8.43 12.06
N GLU A 199 35.67 8.13 12.83
CA GLU A 199 35.35 6.76 13.18
C GLU A 199 34.20 6.25 12.31
N PHE A 200 34.55 5.59 11.21
CA PHE A 200 33.59 5.17 10.18
C PHE A 200 33.50 3.67 10.12
N ALA A 201 32.28 3.15 10.01
CA ALA A 201 32.11 1.74 9.70
C ALA A 201 32.55 1.42 8.26
N PRO A 202 33.39 0.39 8.08
CA PRO A 202 33.85 0.06 6.72
C PRO A 202 32.91 -0.89 5.97
N SER A 203 31.96 -1.49 6.68
CA SER A 203 31.00 -2.41 6.07
C SER A 203 29.86 -2.61 7.06
N PHE A 204 28.74 -3.10 6.58
CA PHE A 204 27.60 -3.33 7.46
C PHE A 204 27.85 -4.49 8.45
N GLU A 205 28.67 -5.45 8.05
CA GLU A 205 28.97 -6.60 8.89
C GLU A 205 30.07 -6.33 9.93
N SER A 206 30.74 -5.20 9.81
CA SER A 206 31.90 -4.89 10.66
C SER A 206 31.54 -4.65 12.11
N GLU A 207 32.52 -4.86 13.00
N GLU A 207 32.53 -4.87 12.98
CA GLU A 207 32.33 -4.54 14.41
CA GLU A 207 32.39 -4.55 14.40
C GLU A 207 32.11 -3.05 14.64
C GLU A 207 32.12 -3.07 14.64
N GLU A 208 32.69 -2.20 13.78
CA GLU A 208 32.44 -0.76 13.86
C GLU A 208 30.96 -0.42 13.64
N ALA A 209 30.34 -1.10 12.68
CA ALA A 209 28.89 -0.94 12.49
C ALA A 209 28.13 -1.43 13.71
N ARG A 210 28.54 -2.57 14.25
CA ARG A 210 27.89 -3.11 15.43
C ARG A 210 27.93 -2.11 16.58
N LYS A 211 29.06 -1.40 16.73
CA LYS A 211 29.25 -0.44 17.81
C LYS A 211 28.67 0.94 17.51
N GLY A 212 28.02 1.11 16.36
CA GLY A 212 27.34 2.37 16.07
C GLY A 212 28.19 3.46 15.49
N TRP A 213 29.28 3.10 14.81
CA TRP A 213 30.13 4.09 14.17
C TRP A 213 29.43 4.75 12.96
N CYS A 214 29.97 5.87 12.51
CA CYS A 214 29.32 6.65 11.45
C CYS A 214 29.23 5.87 10.14
N LEU A 215 28.14 6.11 9.45
CA LEU A 215 27.81 5.45 8.19
C LEU A 215 28.20 6.23 6.93
N TYR A 216 29.00 7.28 7.07
CA TYR A 216 29.34 8.09 5.89
C TYR A 216 30.04 7.29 4.77
N GLU A 217 30.97 6.42 5.16
N GLU A 217 31.00 6.45 5.13
CA GLU A 217 31.73 5.63 4.18
CA GLU A 217 31.70 5.70 4.09
C GLU A 217 30.82 4.65 3.44
C GLU A 217 30.80 4.68 3.42
N LEU A 218 29.67 4.34 4.06
CA LEU A 218 28.68 3.43 3.48
C LEU A 218 27.56 4.18 2.78
N GLY A 219 27.76 5.47 2.54
CA GLY A 219 26.91 6.26 1.67
C GLY A 219 25.99 7.27 2.32
N CYS A 220 26.09 7.47 3.63
CA CYS A 220 25.12 8.32 4.31
C CYS A 220 25.07 9.73 3.72
N LYS A 221 23.86 10.21 3.41
CA LYS A 221 23.64 11.53 2.84
C LYS A 221 23.19 12.52 3.90
N GLY A 222 23.21 12.12 5.16
CA GLY A 222 22.84 13.05 6.23
C GLY A 222 23.48 14.43 6.14
N PRO A 223 24.77 14.50 5.77
CA PRO A 223 25.41 15.83 5.72
C PRO A 223 24.83 16.80 4.72
N VAL A 224 24.10 16.31 3.72
CA VAL A 224 23.60 17.13 2.63
C VAL A 224 22.07 17.11 2.52
N THR A 225 21.40 16.66 3.59
CA THR A 225 19.96 16.46 3.59
C THR A 225 19.34 17.24 4.73
N MET A 226 18.30 18.02 4.43
N MET A 226 18.28 17.98 4.45
CA MET A 226 17.57 18.80 5.41
CA MET A 226 17.62 18.80 5.46
C MET A 226 16.30 18.08 5.82
C MET A 226 16.29 18.16 5.84
N ASN A 227 16.19 17.73 7.09
CA ASN A 227 15.00 17.06 7.63
C ASN A 227 15.17 17.01 9.14
N ASN A 228 14.11 16.63 9.86
CA ASN A 228 14.08 16.58 11.31
C ASN A 228 14.04 15.17 11.88
N CYS A 229 14.50 14.22 11.10
CA CYS A 229 14.41 12.81 11.42
C CYS A 229 14.99 12.40 12.77
N PRO A 230 16.23 12.88 13.10
CA PRO A 230 16.79 12.37 14.35
C PRO A 230 16.08 12.95 15.59
N LYS A 231 15.39 14.08 15.41
CA LYS A 231 14.75 14.79 16.51
C LYS A 231 13.34 14.23 16.78
N ILE A 232 12.53 14.15 15.74
CA ILE A 232 11.15 13.70 15.85
C ILE A 232 11.06 12.18 15.80
N LYS A 233 11.93 11.59 14.99
N LYS A 233 11.95 11.58 15.02
CA LYS A 233 11.89 10.17 14.65
CA LYS A 233 11.89 10.16 14.68
C LYS A 233 10.57 9.83 13.97
C LYS A 233 10.58 9.82 13.96
N PHE A 234 10.43 8.54 13.63
CA PHE A 234 9.25 8.03 12.94
C PHE A 234 8.56 7.04 13.85
N ASN A 235 7.23 7.05 13.79
CA ASN A 235 6.40 6.10 14.53
C ASN A 235 6.72 6.14 16.01
N GLN A 236 7.14 7.31 16.48
CA GLN A 236 7.49 7.50 17.90
C GLN A 236 8.60 6.59 18.37
N THR A 237 9.45 6.08 17.46
CA THR A 237 10.38 5.07 17.90
C THR A 237 11.73 4.93 17.17
N ASN A 238 11.88 5.32 15.92
CA ASN A 238 13.14 5.01 15.23
C ASN A 238 13.36 5.90 14.01
N TRP A 239 14.55 5.81 13.44
CA TRP A 239 14.85 6.50 12.18
C TRP A 239 16.01 5.79 11.51
N PRO A 240 16.29 6.04 10.22
CA PRO A 240 17.21 5.15 9.48
C PRO A 240 18.57 4.91 10.14
N VAL A 241 19.28 5.96 10.55
CA VAL A 241 20.63 5.74 11.08
C VAL A 241 20.57 4.95 12.40
N ASP A 242 19.54 5.16 13.21
CA ASP A 242 19.42 4.38 14.43
C ASP A 242 19.09 2.92 14.13
N ALA A 243 18.57 2.62 12.94
CA ALA A 243 18.38 1.23 12.44
C ALA A 243 19.63 0.74 11.72
N GLY A 244 20.72 1.51 11.76
CA GLY A 244 21.98 1.10 11.15
C GLY A 244 22.17 1.36 9.68
N HIS A 245 21.22 2.08 9.06
CA HIS A 245 21.26 2.29 7.63
C HIS A 245 21.51 3.77 7.29
N PRO A 246 22.34 4.05 6.25
CA PRO A 246 22.55 5.44 5.86
C PRO A 246 21.26 6.14 5.46
N CYS A 247 21.22 7.45 5.68
CA CYS A 247 20.24 8.33 5.05
C CYS A 247 20.50 8.31 3.53
N ILE A 248 19.41 8.25 2.75
CA ILE A 248 19.44 8.28 1.28
C ILE A 248 19.08 9.66 0.71
N GLY A 249 18.87 10.66 1.58
CA GLY A 249 18.67 12.02 1.11
C GLY A 249 17.24 12.33 0.65
N CYS A 250 16.25 11.68 1.25
CA CYS A 250 14.95 11.59 0.62
C CYS A 250 14.08 12.84 0.65
N SER A 251 14.50 13.87 1.40
CA SER A 251 13.83 15.15 1.42
C SER A 251 14.46 16.20 0.47
N GLU A 252 15.43 15.79 -0.35
CA GLU A 252 16.09 16.70 -1.27
C GLU A 252 15.61 16.56 -2.70
N PRO A 253 15.57 17.68 -3.43
CA PRO A 253 15.17 17.62 -4.83
C PRO A 253 16.07 16.68 -5.61
N ASP A 254 15.48 15.90 -6.52
N ASP A 254 15.44 15.91 -6.49
CA ASP A 254 16.27 15.13 -7.45
CA ASP A 254 16.15 15.03 -7.40
C ASP A 254 17.12 14.08 -6.73
C ASP A 254 17.09 14.08 -6.71
N PHE A 255 16.74 13.69 -5.50
CA PHE A 255 17.65 12.85 -4.73
C PHE A 255 17.97 11.52 -5.40
N TRP A 256 17.00 10.99 -6.13
CA TRP A 256 17.18 9.74 -6.87
C TRP A 256 18.39 9.78 -7.81
N ASP A 257 18.65 10.94 -8.39
CA ASP A 257 19.81 11.12 -9.28
C ASP A 257 21.00 11.81 -8.58
N ALA A 258 20.76 12.70 -7.62
CA ALA A 258 21.80 13.47 -6.96
C ALA A 258 22.51 12.68 -5.88
N MET A 259 21.80 11.74 -5.24
N MET A 259 21.79 11.76 -5.22
CA MET A 259 22.32 11.02 -4.06
CA MET A 259 22.31 11.05 -4.06
C MET A 259 22.74 9.60 -4.35
C MET A 259 22.75 9.62 -4.36
N THR A 260 22.57 9.17 -5.60
CA THR A 260 22.98 7.83 -6.00
C THR A 260 24.41 7.86 -6.57
N PRO A 261 25.14 6.75 -6.44
CA PRO A 261 24.78 5.50 -5.75
C PRO A 261 24.56 5.69 -4.25
N PHE A 262 23.50 5.07 -3.74
CA PHE A 262 23.16 5.31 -2.33
C PHE A 262 24.21 4.80 -1.34
N TYR A 263 24.98 3.79 -1.71
CA TYR A 263 25.98 3.20 -0.80
C TYR A 263 27.40 3.71 -1.02
N GLN A 264 27.50 4.89 -1.64
CA GLN A 264 28.77 5.57 -1.89
C GLN A 264 28.69 7.03 -1.46
N ASN A 265 29.83 7.56 -1.02
CA ASN A 265 30.06 9.00 -0.99
C ASN A 265 31.32 9.33 -1.75
N SER B 1 -35.05 -3.44 -14.43
CA SER B 1 -33.60 -3.57 -14.17
C SER B 1 -32.76 -2.87 -15.22
N TYR B 2 -31.57 -2.44 -14.83
CA TYR B 2 -30.76 -1.58 -15.69
C TYR B 2 -30.06 -2.33 -16.82
N SER B 3 -30.12 -1.76 -18.02
CA SER B 3 -29.26 -2.18 -19.10
C SER B 3 -28.51 -0.96 -19.65
N GLY B 4 -27.21 -1.12 -19.82
CA GLY B 4 -26.35 -0.05 -20.28
C GLY B 4 -24.99 -0.11 -19.65
N PRO B 5 -24.16 0.89 -19.92
CA PRO B 5 -22.81 0.93 -19.35
C PRO B 5 -22.82 1.46 -17.92
N ILE B 6 -21.82 1.08 -17.13
CA ILE B 6 -21.47 1.75 -15.86
C ILE B 6 -19.97 1.92 -15.89
N VAL B 7 -19.54 3.14 -15.59
CA VAL B 7 -18.14 3.45 -15.42
C VAL B 7 -17.94 3.91 -13.98
N VAL B 8 -16.95 3.34 -13.31
CA VAL B 8 -16.51 3.80 -11.99
C VAL B 8 -15.08 4.29 -12.12
N ASP B 9 -14.91 5.63 -12.12
CA ASP B 9 -13.59 6.25 -12.29
C ASP B 9 -13.66 7.60 -11.60
N PRO B 10 -13.04 7.74 -10.41
CA PRO B 10 -12.11 6.80 -9.79
C PRO B 10 -12.79 5.69 -9.01
N VAL B 11 -12.20 4.51 -9.02
CA VAL B 11 -12.49 3.51 -7.99
C VAL B 11 -11.74 4.00 -6.74
N THR B 12 -12.47 4.41 -5.69
CA THR B 12 -11.88 4.88 -4.46
C THR B 12 -11.69 3.69 -3.53
N ARG B 13 -11.03 3.92 -2.39
CA ARG B 13 -10.80 2.88 -1.40
C ARG B 13 -10.03 1.70 -1.99
N ILE B 14 -9.04 2.06 -2.82
CA ILE B 14 -7.96 1.19 -3.27
C ILE B 14 -6.70 2.02 -3.21
N GLU B 15 -5.57 1.39 -3.43
CA GLU B 15 -4.36 2.12 -3.75
C GLU B 15 -4.34 2.37 -5.27
N GLY B 16 -4.12 3.61 -5.65
CA GLY B 16 -3.84 3.95 -7.03
C GLY B 16 -5.07 4.23 -7.88
N HIS B 17 -4.84 4.30 -9.19
CA HIS B 17 -5.77 4.90 -10.15
C HIS B 17 -6.38 3.88 -11.08
N LEU B 18 -7.59 3.44 -10.74
CA LEU B 18 -8.34 2.42 -11.46
C LEU B 18 -9.65 2.98 -11.98
N ARG B 19 -9.93 2.62 -13.23
CA ARG B 19 -11.20 2.81 -13.91
C ARG B 19 -11.79 1.42 -14.21
N ILE B 20 -12.98 1.17 -13.67
CA ILE B 20 -13.71 -0.04 -13.99
C ILE B 20 -14.84 0.36 -14.94
N GLU B 21 -14.92 -0.39 -16.05
CA GLU B 21 -16.02 -0.22 -17.01
C GLU B 21 -16.77 -1.55 -17.10
N VAL B 22 -18.09 -1.51 -16.99
CA VAL B 22 -18.89 -2.72 -17.19
C VAL B 22 -20.02 -2.43 -18.15
N GLU B 23 -20.49 -3.51 -18.78
N GLU B 23 -20.49 -3.51 -18.76
CA GLU B 23 -21.74 -3.52 -19.54
CA GLU B 23 -21.72 -3.51 -19.53
C GLU B 23 -22.73 -4.32 -18.72
C GLU B 23 -22.74 -4.33 -18.75
N VAL B 24 -23.91 -3.75 -18.50
CA VAL B 24 -24.95 -4.37 -17.71
C VAL B 24 -26.14 -4.68 -18.60
N GLU B 25 -26.70 -5.87 -18.48
N GLU B 25 -26.79 -5.80 -18.36
CA GLU B 25 -27.98 -6.19 -19.13
CA GLU B 25 -27.94 -6.21 -19.13
C GLU B 25 -28.92 -6.80 -18.12
C GLU B 25 -28.92 -6.86 -18.17
N ASN B 26 -30.15 -6.33 -18.13
CA ASN B 26 -31.19 -6.87 -17.25
C ASN B 26 -30.68 -6.95 -15.79
N GLY B 27 -29.93 -5.93 -15.38
CA GLY B 27 -29.47 -5.81 -13.99
C GLY B 27 -28.26 -6.64 -13.61
N LYS B 28 -27.63 -7.29 -14.58
CA LYS B 28 -26.44 -8.09 -14.30
C LYS B 28 -25.31 -7.73 -15.25
N VAL B 29 -24.09 -7.70 -14.70
CA VAL B 29 -22.92 -7.41 -15.53
C VAL B 29 -22.69 -8.53 -16.52
N LYS B 30 -22.55 -8.15 -17.80
CA LYS B 30 -22.22 -9.10 -18.85
C LYS B 30 -20.81 -8.94 -19.44
N ASN B 31 -20.12 -7.83 -19.15
CA ASN B 31 -18.74 -7.65 -19.60
C ASN B 31 -18.08 -6.64 -18.70
N ALA B 32 -16.76 -6.71 -18.65
CA ALA B 32 -15.98 -5.89 -17.73
C ALA B 32 -14.60 -5.62 -18.29
N TYR B 33 -14.07 -4.43 -17.96
CA TYR B 33 -12.74 -3.98 -18.31
C TYR B 33 -12.09 -3.35 -17.08
N SER B 34 -10.85 -3.77 -16.81
CA SER B 34 -10.03 -3.20 -15.74
C SER B 34 -8.96 -2.28 -16.32
N SER B 35 -9.18 -0.97 -16.19
CA SER B 35 -8.31 0.02 -16.81
C SER B 35 -7.49 0.77 -15.75
N SER B 36 -6.18 0.54 -15.75
CA SER B 36 -5.26 1.24 -14.86
C SER B 36 -4.71 2.48 -15.55
N THR B 37 -4.89 3.67 -14.91
CA THR B 37 -4.78 4.94 -15.63
C THR B 37 -3.62 5.84 -15.20
N LEU B 38 -2.65 5.29 -14.46
CA LEU B 38 -1.37 5.95 -14.19
C LEU B 38 -0.21 5.02 -14.50
N PHE B 39 0.77 5.56 -15.23
CA PHE B 39 2.05 4.93 -15.46
C PHE B 39 3.17 5.79 -14.89
N ARG B 40 4.16 5.14 -14.27
CA ARG B 40 5.37 5.83 -13.79
C ARG B 40 6.65 5.38 -14.50
N GLY B 41 6.80 4.09 -14.74
CA GLY B 41 7.95 3.59 -15.50
C GLY B 41 9.20 3.31 -14.70
N LEU B 42 9.04 2.73 -13.51
CA LEU B 42 10.21 2.45 -12.66
C LEU B 42 11.23 1.51 -13.31
N GLU B 43 10.76 0.59 -14.14
CA GLU B 43 11.68 -0.34 -14.82
C GLU B 43 12.56 0.41 -15.82
N ILE B 44 12.00 1.43 -16.46
CA ILE B 44 12.75 2.24 -17.43
C ILE B 44 13.82 3.03 -16.62
N ILE B 45 13.40 3.63 -15.50
CA ILE B 45 14.25 4.45 -14.67
C ILE B 45 15.43 3.64 -14.09
N LEU B 46 15.22 2.36 -13.78
CA LEU B 46 16.26 1.56 -13.17
C LEU B 46 17.43 1.21 -14.08
N LYS B 47 17.21 1.22 -15.39
N LYS B 47 17.21 1.21 -15.39
CA LYS B 47 18.26 0.80 -16.33
CA LYS B 47 18.25 0.74 -16.32
C LYS B 47 19.55 1.56 -16.11
C LYS B 47 19.54 1.54 -16.15
N GLY B 48 20.65 0.81 -16.04
CA GLY B 48 21.97 1.40 -15.95
C GLY B 48 22.44 1.74 -14.56
N ARG B 49 21.58 1.58 -13.57
CA ARG B 49 21.90 1.99 -12.21
C ARG B 49 22.64 0.88 -11.43
N ASP B 50 23.08 1.19 -10.22
CA ASP B 50 23.77 0.23 -9.36
C ASP B 50 22.70 -0.77 -8.84
N PRO B 51 22.91 -2.08 -8.97
CA PRO B 51 21.94 -3.03 -8.42
C PRO B 51 21.61 -2.82 -6.95
N ARG B 52 22.58 -2.33 -6.17
CA ARG B 52 22.31 -2.06 -4.75
C ARG B 52 21.25 -0.98 -4.54
N ASP B 53 21.05 -0.10 -5.53
CA ASP B 53 20.11 0.99 -5.40
C ASP B 53 18.67 0.53 -5.69
N ALA B 54 18.51 -0.64 -6.34
CA ALA B 54 17.20 -1.02 -6.83
C ALA B 54 16.13 -1.02 -5.75
N GLN B 55 16.45 -1.58 -4.58
CA GLN B 55 15.43 -1.71 -3.54
C GLN B 55 14.89 -0.37 -3.09
N HIS B 56 15.72 0.67 -3.13
CA HIS B 56 15.27 2.00 -2.69
C HIS B 56 14.27 2.59 -3.65
N PHE B 57 14.53 2.44 -4.95
CA PHE B 57 13.57 2.82 -6.00
C PHE B 57 12.32 1.94 -5.96
N THR B 58 12.50 0.61 -5.95
CA THR B 58 11.33 -0.24 -6.12
C THR B 58 10.44 -0.21 -4.89
N GLN B 59 10.97 0.11 -3.70
CA GLN B 59 10.09 0.23 -2.54
C GLN B 59 9.01 1.27 -2.84
N ARG B 60 9.35 2.31 -3.62
CA ARG B 60 8.43 3.37 -3.96
C ARG B 60 7.44 2.97 -5.06
N THR B 61 7.48 1.70 -5.45
CA THR B 61 6.35 1.14 -6.21
C THR B 61 5.04 1.37 -5.43
N CYS B 62 5.09 1.20 -4.12
CA CYS B 62 3.87 1.25 -3.31
C CYS B 62 4.21 1.49 -1.85
N GLY B 63 3.45 2.41 -1.26
CA GLY B 63 3.55 2.73 0.16
C GLY B 63 2.43 2.09 0.98
N VAL B 64 1.46 1.43 0.36
CA VAL B 64 0.49 0.64 1.11
C VAL B 64 1.17 -0.68 1.43
N CYS B 65 1.56 -1.41 0.40
CA CYS B 65 2.43 -2.59 0.56
C CYS B 65 3.90 -2.13 0.62
N THR B 66 4.14 -1.18 1.52
CA THR B 66 5.49 -0.74 1.84
C THR B 66 6.30 -1.95 2.30
N TYR B 67 7.61 -1.83 2.24
CA TYR B 67 8.58 -2.88 2.55
C TYR B 67 8.63 -4.00 1.53
N THR B 68 7.48 -4.48 1.08
CA THR B 68 7.45 -5.70 0.27
C THR B 68 8.37 -5.62 -0.94
N HIS B 69 8.41 -4.52 -1.66
CA HIS B 69 9.27 -4.42 -2.84
C HIS B 69 10.76 -4.25 -2.46
N ALA B 70 11.05 -3.59 -1.33
CA ALA B 70 12.43 -3.54 -0.86
C ALA B 70 12.90 -4.98 -0.60
N LEU B 71 12.03 -5.77 0.05
CA LEU B 71 12.35 -7.15 0.33
C LEU B 71 12.52 -7.97 -0.97
N ALA B 72 11.60 -7.80 -1.93
CA ALA B 72 11.74 -8.52 -3.17
C ALA B 72 13.00 -8.15 -3.94
N SER B 73 13.34 -6.87 -3.99
CA SER B 73 14.54 -6.48 -4.71
C SER B 73 15.79 -6.98 -4.00
N THR B 74 15.78 -6.92 -2.67
CA THR B 74 16.93 -7.41 -1.92
C THR B 74 17.06 -8.93 -2.08
N ARG B 75 15.95 -9.68 -2.01
CA ARG B 75 16.02 -11.10 -2.31
C ARG B 75 16.55 -11.34 -3.72
N CYS B 76 16.14 -10.50 -4.67
CA CYS B 76 16.55 -10.63 -6.07
C CYS B 76 18.06 -10.42 -6.22
N VAL B 77 18.59 -9.33 -5.65
CA VAL B 77 19.99 -9.06 -5.79
C VAL B 77 20.83 -10.03 -4.94
N ASP B 78 20.35 -10.37 -3.74
CA ASP B 78 20.97 -11.44 -2.94
C ASP B 78 21.16 -12.68 -3.83
N ASN B 79 20.11 -13.07 -4.52
CA ASN B 79 20.11 -14.26 -5.36
C ASN B 79 21.08 -14.10 -6.54
N ALA B 80 21.08 -12.94 -7.18
CA ALA B 80 21.99 -12.66 -8.30
C ALA B 80 23.45 -12.77 -7.89
N VAL B 81 23.79 -12.28 -6.70
CA VAL B 81 25.18 -12.29 -6.25
C VAL B 81 25.55 -13.58 -5.51
N GLY B 82 24.56 -14.42 -5.22
CA GLY B 82 24.77 -15.71 -4.62
C GLY B 82 25.06 -15.67 -3.13
N VAL B 83 24.67 -14.61 -2.44
CA VAL B 83 24.94 -14.53 -1.02
C VAL B 83 23.90 -15.31 -0.22
N HIS B 84 24.41 -16.02 0.78
CA HIS B 84 23.56 -16.72 1.74
C HIS B 84 23.50 -15.88 3.04
N ILE B 85 22.40 -15.19 3.24
CA ILE B 85 22.33 -14.24 4.34
C ILE B 85 22.24 -14.98 5.67
N PRO B 86 22.67 -14.32 6.74
CA PRO B 86 22.62 -14.97 8.05
C PRO B 86 21.20 -15.28 8.49
N LYS B 87 21.09 -16.28 9.35
CA LYS B 87 19.80 -16.68 9.91
C LYS B 87 19.05 -15.54 10.55
N ASN B 88 19.74 -14.68 11.30
CA ASN B 88 19.04 -13.55 11.93
C ASN B 88 18.49 -12.58 10.90
N ALA B 89 19.18 -12.42 9.75
CA ALA B 89 18.66 -11.52 8.73
C ALA B 89 17.35 -12.07 8.17
N THR B 90 17.30 -13.39 7.97
CA THR B 90 16.05 -14.02 7.54
C THR B 90 14.95 -13.84 8.58
N TYR B 91 15.27 -14.04 9.86
CA TYR B 91 14.28 -13.84 10.91
C TYR B 91 13.75 -12.41 10.94
N ILE B 92 14.65 -11.42 10.95
CA ILE B 92 14.25 -10.02 11.07
C ILE B 92 13.43 -9.63 9.84
N ARG B 93 13.90 -9.99 8.65
CA ARG B 93 13.12 -9.70 7.44
C ARG B 93 11.75 -10.32 7.49
N ASN B 94 11.67 -11.56 7.96
CA ASN B 94 10.40 -12.26 8.05
C ASN B 94 9.46 -11.63 9.07
N LEU B 95 10.00 -11.23 10.22
CA LEU B 95 9.19 -10.58 11.25
C LEU B 95 8.59 -9.24 10.77
N VAL B 96 9.39 -8.44 10.10
CA VAL B 96 8.89 -7.19 9.57
C VAL B 96 7.79 -7.48 8.52
N LEU B 97 7.96 -8.53 7.72
CA LEU B 97 6.94 -8.85 6.71
C LEU B 97 5.65 -9.29 7.37
N GLY B 98 5.76 -10.12 8.41
CA GLY B 98 4.58 -10.57 9.13
C GLY B 98 3.82 -9.39 9.69
N ALA B 99 4.56 -8.44 10.27
CA ALA B 99 3.93 -7.22 10.76
C ALA B 99 3.25 -6.42 9.64
N GLN B 100 3.87 -6.36 8.46
CA GLN B 100 3.24 -5.71 7.31
C GLN B 100 1.91 -6.36 6.97
N TYR B 101 1.83 -7.70 6.93
CA TYR B 101 0.55 -8.34 6.65
C TYR B 101 -0.55 -7.89 7.61
N LEU B 102 -0.22 -7.86 8.91
CA LEU B 102 -1.25 -7.51 9.90
C LEU B 102 -1.73 -6.10 9.71
N HIS B 103 -0.80 -5.14 9.52
CA HIS B 103 -1.19 -3.78 9.30
C HIS B 103 -2.07 -3.64 8.06
N ASP B 104 -1.59 -4.22 6.94
CA ASP B 104 -2.22 -4.05 5.63
C ASP B 104 -3.64 -4.63 5.65
N HIS B 105 -3.80 -5.87 6.12
CA HIS B 105 -5.10 -6.49 6.07
C HIS B 105 -6.10 -5.83 7.01
N ILE B 106 -5.68 -5.38 8.19
CA ILE B 106 -6.59 -4.66 9.09
C ILE B 106 -7.10 -3.40 8.44
N VAL B 107 -6.20 -2.60 7.87
CA VAL B 107 -6.59 -1.38 7.21
C VAL B 107 -7.47 -1.71 6.02
N HIS B 108 -7.15 -2.76 5.25
CA HIS B 108 -8.00 -3.06 4.11
C HIS B 108 -9.44 -3.34 4.56
N PHE B 109 -9.62 -4.25 5.51
CA PHE B 109 -10.99 -4.64 5.86
C PHE B 109 -11.78 -3.45 6.34
N TYR B 110 -11.23 -2.69 7.30
CA TYR B 110 -11.98 -1.56 7.86
C TYR B 110 -12.03 -0.34 6.96
N HIS B 111 -10.85 0.16 6.57
CA HIS B 111 -10.76 1.48 5.97
C HIS B 111 -10.91 1.50 4.49
N LEU B 112 -10.74 0.36 3.81
N LEU B 112 -10.80 0.35 3.83
CA LEU B 112 -10.96 0.28 2.36
CA LEU B 112 -11.01 0.29 2.39
C LEU B 112 -12.26 -0.48 2.01
C LEU B 112 -12.26 -0.49 2.00
N HIS B 113 -12.50 -1.63 2.64
CA HIS B 113 -13.61 -2.50 2.22
C HIS B 113 -14.93 -2.19 2.91
N ALA B 114 -14.88 -1.92 4.23
CA ALA B 114 -16.10 -1.98 5.04
C ALA B 114 -17.17 -1.00 4.64
N LEU B 115 -16.82 0.15 4.08
CA LEU B 115 -17.83 1.11 3.67
C LEU B 115 -18.69 0.62 2.50
N ASP B 116 -18.30 -0.50 1.87
CA ASP B 116 -19.17 -1.18 0.90
C ASP B 116 -20.30 -1.98 1.56
N PHE B 117 -20.17 -2.27 2.86
N PHE B 117 -20.30 -2.11 2.87
CA PHE B 117 -21.08 -3.17 3.60
CA PHE B 117 -21.30 -2.96 3.46
C PHE B 117 -21.79 -2.49 4.78
C PHE B 117 -21.74 -2.53 4.84
N VAL B 118 -21.18 -1.42 5.31
CA VAL B 118 -21.59 -0.76 6.54
C VAL B 118 -22.17 0.60 6.19
N ASP B 119 -23.41 0.82 6.64
CA ASP B 119 -24.07 2.12 6.53
C ASP B 119 -23.75 2.88 7.82
N VAL B 120 -22.70 3.71 7.76
CA VAL B 120 -22.25 4.39 8.95
C VAL B 120 -23.33 5.31 9.51
N THR B 121 -24.06 5.98 8.63
CA THR B 121 -25.11 6.86 9.11
C THR B 121 -26.25 6.14 9.85
N ALA B 122 -26.53 4.89 9.48
CA ALA B 122 -27.54 4.11 10.14
C ALA B 122 -27.16 3.81 11.59
N ALA B 123 -25.85 3.84 11.88
CA ALA B 123 -25.39 3.66 13.26
C ALA B 123 -26.02 4.68 14.23
N LEU B 124 -26.40 5.84 13.72
CA LEU B 124 -27.04 6.86 14.54
C LEU B 124 -28.40 6.43 15.06
N LYS B 125 -29.03 5.43 14.43
CA LYS B 125 -30.31 4.93 14.87
C LYS B 125 -30.23 3.79 15.87
N ALA B 126 -29.03 3.32 16.17
CA ALA B 126 -28.84 2.17 17.01
C ALA B 126 -29.09 2.46 18.49
N ASP B 127 -29.47 1.40 19.19
CA ASP B 127 -29.40 1.37 20.65
C ASP B 127 -28.02 0.86 21.05
N PRO B 128 -27.17 1.72 21.65
CA PRO B 128 -25.80 1.27 21.94
C PRO B 128 -25.74 0.10 22.90
N ALA B 129 -26.68 -0.01 23.83
CA ALA B 129 -26.65 -1.12 24.77
C ALA B 129 -26.96 -2.45 24.07
N LYS B 130 -27.92 -2.43 23.15
CA LYS B 130 -28.19 -3.63 22.35
C LYS B 130 -27.01 -3.98 21.46
N ALA B 131 -26.40 -2.96 20.84
CA ALA B 131 -25.23 -3.18 20.03
C ALA B 131 -24.10 -3.82 20.85
N ALA B 132 -23.92 -3.37 22.08
CA ALA B 132 -22.85 -3.90 22.93
C ALA B 132 -23.08 -5.37 23.28
N LYS B 133 -24.34 -5.71 23.49
CA LYS B 133 -24.69 -7.11 23.74
C LYS B 133 -24.38 -7.99 22.54
N VAL B 134 -24.68 -7.51 21.35
CA VAL B 134 -24.36 -8.24 20.14
C VAL B 134 -22.83 -8.40 20.03
N ALA B 135 -22.10 -7.30 20.20
CA ALA B 135 -20.65 -7.35 20.05
C ALA B 135 -20.05 -8.35 21.05
N SER B 136 -20.58 -8.33 22.27
CA SER B 136 -20.07 -9.19 23.34
C SER B 136 -20.40 -10.66 23.13
N SER B 137 -21.41 -10.93 22.31
N SER B 137 -21.40 -10.93 22.30
CA SER B 137 -21.81 -12.31 22.03
CA SER B 137 -21.81 -12.30 22.02
C SER B 137 -20.92 -12.96 20.97
C SER B 137 -20.94 -12.97 20.95
N ILE B 138 -20.21 -12.16 20.20
CA ILE B 138 -19.41 -12.67 19.07
C ILE B 138 -17.89 -12.67 19.34
N SER B 139 -17.48 -12.11 20.48
CA SER B 139 -16.07 -11.95 20.80
C SER B 139 -15.81 -12.19 22.28
N PRO B 140 -14.62 -12.70 22.62
CA PRO B 140 -14.33 -12.83 24.05
C PRO B 140 -14.10 -11.48 24.71
N ARG B 141 -13.85 -10.46 23.90
CA ARG B 141 -13.71 -9.15 24.44
C ARG B 141 -15.10 -8.59 24.74
N LYS B 142 -15.29 -8.12 25.94
CA LYS B 142 -16.56 -7.51 26.32
C LYS B 142 -16.59 -6.06 25.85
N THR B 143 -17.67 -5.68 25.21
CA THR B 143 -17.88 -4.34 24.73
C THR B 143 -18.96 -3.74 25.59
N THR B 144 -18.78 -2.49 26.03
CA THR B 144 -19.78 -1.87 26.88
C THR B 144 -20.72 -0.94 26.11
N ALA B 145 -21.93 -0.81 26.64
CA ALA B 145 -22.89 0.14 26.10
C ALA B 145 -22.31 1.54 26.08
N ALA B 146 -21.63 1.91 27.16
CA ALA B 146 -21.05 3.24 27.26
C ALA B 146 -19.99 3.54 26.18
N ASP B 147 -19.18 2.54 25.86
N ASP B 147 -19.17 2.56 25.84
CA ASP B 147 -18.17 2.71 24.82
CA ASP B 147 -18.17 2.83 24.80
C ASP B 147 -18.84 2.99 23.48
C ASP B 147 -18.81 2.97 23.42
N LEU B 148 -19.89 2.23 23.15
CA LEU B 148 -20.55 2.39 21.88
C LEU B 148 -21.36 3.69 21.84
N LYS B 149 -21.90 4.11 22.99
CA LYS B 149 -22.56 5.41 23.05
C LYS B 149 -21.56 6.56 22.78
N ALA B 150 -20.34 6.44 23.26
CA ALA B 150 -19.34 7.47 23.01
C ALA B 150 -19.09 7.62 21.50
N VAL B 151 -19.00 6.49 20.82
CA VAL B 151 -18.85 6.51 19.37
C VAL B 151 -20.04 7.18 18.72
N GLN B 152 -21.23 6.74 19.09
CA GLN B 152 -22.43 7.27 18.51
C GLN B 152 -22.57 8.77 18.69
N ASP B 153 -22.28 9.25 19.91
CA ASP B 153 -22.37 10.66 20.19
C ASP B 153 -21.40 11.47 19.33
N LYS B 154 -20.18 10.94 19.16
CA LYS B 154 -19.18 11.64 18.35
C LYS B 154 -19.67 11.69 16.88
N LEU B 155 -20.21 10.57 16.39
CA LEU B 155 -20.69 10.53 15.01
C LEU B 155 -21.88 11.47 14.83
N LYS B 156 -22.76 11.54 15.84
CA LYS B 156 -23.92 12.42 15.75
C LYS B 156 -23.47 13.86 15.55
N THR B 157 -22.53 14.29 16.36
CA THR B 157 -22.02 15.66 16.26
C THR B 157 -21.43 15.90 14.86
N PHE B 158 -20.65 14.94 14.37
CA PHE B 158 -20.05 15.05 13.05
C PHE B 158 -21.15 15.17 11.95
N VAL B 159 -22.12 14.26 11.92
CA VAL B 159 -23.15 14.26 10.85
C VAL B 159 -23.97 15.55 10.96
N GLU B 160 -24.33 15.93 12.18
CA GLU B 160 -25.21 17.07 12.36
C GLU B 160 -24.55 18.37 11.95
N SER B 161 -23.21 18.37 11.83
CA SER B 161 -22.50 19.55 11.35
C SER B 161 -22.81 19.85 9.89
N GLY B 162 -23.33 18.85 9.15
CA GLY B 162 -23.58 18.94 7.71
C GLY B 162 -22.36 18.74 6.82
N GLN B 163 -21.21 18.63 7.44
CA GLN B 163 -19.93 18.43 6.75
C GLN B 163 -19.59 16.93 6.88
N LEU B 164 -20.08 16.14 5.92
CA LEU B 164 -19.92 14.72 6.01
C LEU B 164 -18.54 14.21 5.65
N GLY B 165 -17.70 15.05 5.06
CA GLY B 165 -16.32 14.67 4.89
C GLY B 165 -16.15 13.46 4.02
N PRO B 166 -15.45 12.42 4.49
CA PRO B 166 -15.30 11.18 3.73
C PRO B 166 -16.59 10.45 3.47
N PHE B 167 -17.69 10.80 4.12
CA PHE B 167 -18.97 10.15 3.84
C PHE B 167 -19.85 10.92 2.83
N THR B 168 -19.35 12.02 2.29
CA THR B 168 -20.09 12.82 1.34
C THR B 168 -20.46 11.97 0.12
N ASN B 169 -21.75 11.99 -0.22
CA ASN B 169 -22.24 11.25 -1.38
C ASN B 169 -22.01 9.72 -1.27
N ALA B 170 -21.90 9.20 -0.05
CA ALA B 170 -21.73 7.75 0.12
C ALA B 170 -22.90 6.99 -0.50
N TYR B 171 -22.63 5.80 -1.03
CA TYR B 171 -23.70 5.00 -1.60
C TYR B 171 -24.78 4.60 -0.60
N PHE B 172 -24.44 4.61 0.67
CA PHE B 172 -25.38 4.26 1.72
C PHE B 172 -26.23 5.40 2.30
N LEU B 173 -26.01 6.64 1.88
CA LEU B 173 -26.80 7.75 2.44
C LEU B 173 -28.25 7.57 2.09
N GLY B 174 -29.11 7.57 3.11
CA GLY B 174 -30.53 7.33 2.92
C GLY B 174 -30.90 5.85 2.83
N GLY B 175 -29.92 4.98 3.02
CA GLY B 175 -30.17 3.57 2.82
C GLY B 175 -29.94 3.19 1.36
N HIS B 176 -29.80 1.89 1.11
CA HIS B 176 -29.54 1.37 -0.22
C HIS B 176 -29.98 -0.10 -0.20
N PRO B 177 -30.64 -0.56 -1.27
CA PRO B 177 -31.20 -1.92 -1.28
C PRO B 177 -30.18 -3.03 -1.04
N ALA B 178 -28.91 -2.77 -1.37
CA ALA B 178 -27.87 -3.77 -1.21
C ALA B 178 -27.15 -3.71 0.13
N TYR B 179 -27.54 -2.77 0.99
CA TYR B 179 -26.95 -2.65 2.33
C TYR B 179 -27.94 -3.25 3.33
N TYR B 180 -27.53 -4.33 4.01
CA TYR B 180 -28.42 -5.18 4.79
C TYR B 180 -28.29 -5.06 6.30
N LEU B 181 -27.20 -4.49 6.84
CA LEU B 181 -26.99 -4.53 8.25
C LEU B 181 -28.02 -3.73 9.02
N ASP B 182 -28.32 -4.18 10.23
CA ASP B 182 -29.19 -3.41 11.11
C ASP B 182 -28.40 -2.29 11.81
N PRO B 183 -29.12 -1.36 12.48
CA PRO B 183 -28.39 -0.22 13.04
C PRO B 183 -27.35 -0.62 14.07
N GLU B 184 -27.70 -1.59 14.91
CA GLU B 184 -26.79 -2.07 15.94
C GLU B 184 -25.49 -2.61 15.35
N THR B 185 -25.60 -3.42 14.31
CA THR B 185 -24.42 -3.99 13.69
C THR B 185 -23.61 -2.93 12.98
N ASN B 186 -24.27 -1.97 12.34
CA ASN B 186 -23.58 -0.84 11.75
C ASN B 186 -22.77 -0.06 12.82
N LEU B 187 -23.34 0.12 14.02
CA LEU B 187 -22.65 0.81 15.11
C LEU B 187 -21.43 0.03 15.57
N ILE B 188 -21.56 -1.29 15.73
CA ILE B 188 -20.39 -2.10 16.09
C ILE B 188 -19.26 -1.91 15.08
N ALA B 189 -19.59 -2.05 13.80
CA ALA B 189 -18.59 -1.95 12.76
C ALA B 189 -17.97 -0.56 12.70
N THR B 190 -18.77 0.46 12.90
CA THR B 190 -18.31 1.85 12.89
C THR B 190 -17.35 2.11 14.05
N ALA B 191 -17.72 1.64 15.23
CA ALA B 191 -16.85 1.73 16.40
C ALA B 191 -15.51 1.05 16.15
N HIS B 192 -15.55 -0.11 15.51
CA HIS B 192 -14.32 -0.85 15.25
C HIS B 192 -13.50 -0.25 14.11
N TYR B 193 -14.14 0.38 13.14
CA TYR B 193 -13.46 1.19 12.14
C TYR B 193 -12.64 2.29 12.83
N LEU B 194 -13.25 3.00 13.79
CA LEU B 194 -12.55 4.07 14.46
C LEU B 194 -11.45 3.49 15.34
N GLU B 195 -11.74 2.41 16.05
CA GLU B 195 -10.71 1.77 16.86
C GLU B 195 -9.52 1.36 15.99
N ALA B 196 -9.81 0.79 14.82
CA ALA B 196 -8.75 0.36 13.93
C ALA B 196 -7.86 1.51 13.44
N LEU B 197 -8.39 2.73 13.32
CA LEU B 197 -7.56 3.87 12.96
C LEU B 197 -6.44 4.07 13.96
N ARG B 198 -6.71 3.85 15.25
CA ARG B 198 -5.66 3.96 16.25
C ARG B 198 -4.82 2.69 16.36
N LEU B 199 -5.44 1.52 16.26
CA LEU B 199 -4.70 0.27 16.38
C LEU B 199 -3.66 0.15 15.24
N GLN B 200 -4.01 0.56 14.03
CA GLN B 200 -3.07 0.42 12.91
C GLN B 200 -1.78 1.23 13.15
N VAL B 201 -1.84 2.30 13.96
CA VAL B 201 -0.64 3.05 14.31
C VAL B 201 0.35 2.10 15.02
N LYS B 202 -0.17 1.30 15.94
CA LYS B 202 0.67 0.35 16.67
C LYS B 202 1.19 -0.78 15.74
N ALA B 203 0.31 -1.28 14.87
CA ALA B 203 0.71 -2.33 13.95
C ALA B 203 1.85 -1.85 13.03
N ALA B 204 1.78 -0.60 12.58
CA ALA B 204 2.85 -0.04 11.70
C ALA B 204 4.10 0.23 12.53
N ARG B 205 3.93 0.71 13.77
CA ARG B 205 5.08 0.95 14.64
C ARG B 205 5.93 -0.31 14.82
N ALA B 206 5.27 -1.48 14.86
CA ALA B 206 6.00 -2.72 15.01
C ALA B 206 7.07 -2.88 13.92
N MET B 207 6.76 -2.44 12.69
CA MET B 207 7.75 -2.50 11.60
C MET B 207 8.92 -1.55 11.83
N ALA B 208 8.67 -0.37 12.38
CA ALA B 208 9.70 0.61 12.59
C ALA B 208 10.66 0.20 13.70
N VAL B 209 10.24 -0.65 14.62
CA VAL B 209 11.09 -1.07 15.75
C VAL B 209 12.41 -1.63 15.22
N PHE B 210 12.33 -2.54 14.24
CA PHE B 210 13.49 -3.11 13.56
C PHE B 210 13.81 -2.37 12.27
N GLY B 211 12.79 -1.83 11.59
CA GLY B 211 12.92 -1.37 10.22
C GLY B 211 13.03 0.11 9.97
N ALA B 212 13.28 0.88 11.03
CA ALA B 212 13.57 2.33 11.01
C ALA B 212 12.33 3.20 11.02
N LYS B 213 11.39 2.90 10.12
CA LYS B 213 10.24 3.80 9.92
C LYS B 213 9.20 3.09 9.08
N ASN B 214 7.97 3.57 9.19
CA ASN B 214 6.87 3.15 8.34
C ASN B 214 6.05 4.37 8.06
N PRO B 215 5.83 4.73 6.78
CA PRO B 215 6.16 3.94 5.59
C PRO B 215 7.61 4.01 5.16
N HIS B 216 7.95 2.99 4.35
CA HIS B 216 9.21 2.87 3.60
C HIS B 216 10.38 2.58 4.57
N THR B 217 10.53 1.29 4.86
CA THR B 217 11.51 0.85 5.83
C THR B 217 12.91 1.06 5.25
N GLN B 218 13.89 1.01 6.16
CA GLN B 218 15.26 1.34 5.77
C GLN B 218 16.23 0.54 6.66
N PHE B 219 16.30 -0.76 6.45
CA PHE B 219 17.10 -1.68 7.25
C PHE B 219 17.65 -2.85 6.45
N THR B 220 17.26 -2.99 5.20
CA THR B 220 17.71 -4.11 4.37
C THR B 220 18.91 -3.67 3.57
N VAL B 221 19.82 -4.62 3.39
CA VAL B 221 20.97 -4.48 2.49
C VAL B 221 21.20 -5.80 1.78
N VAL B 222 21.87 -5.77 0.63
CA VAL B 222 22.30 -7.04 0.06
C VAL B 222 23.17 -7.71 1.13
N GLY B 223 22.94 -8.99 1.38
CA GLY B 223 23.68 -9.71 2.41
C GLY B 223 23.03 -9.80 3.77
N GLY B 224 21.99 -9.00 4.03
CA GLY B 224 21.31 -9.14 5.31
C GLY B 224 20.49 -7.94 5.72
N VAL B 225 20.71 -7.50 6.97
CA VAL B 225 20.05 -6.31 7.51
C VAL B 225 21.10 -5.49 8.29
N THR B 226 20.73 -4.25 8.62
CA THR B 226 21.68 -3.30 9.21
C THR B 226 21.43 -3.06 10.70
N CYS B 227 20.27 -3.51 11.20
CA CYS B 227 19.76 -3.08 12.50
C CYS B 227 20.30 -3.88 13.67
N TYR B 228 21.52 -3.55 14.08
CA TYR B 228 22.09 -4.17 15.28
C TYR B 228 21.21 -3.99 16.51
N ASP B 229 20.48 -2.87 16.59
CA ASP B 229 19.64 -2.64 17.76
C ASP B 229 18.50 -3.68 17.85
N ALA B 230 18.18 -4.32 16.72
CA ALA B 230 17.11 -5.33 16.72
C ALA B 230 17.48 -6.57 17.53
N LEU B 231 18.76 -6.75 17.81
CA LEU B 231 19.22 -7.86 18.65
C LEU B 231 18.97 -7.62 20.12
N THR B 232 18.68 -6.38 20.50
CA THR B 232 18.63 -6.02 21.93
C THR B 232 17.34 -6.47 22.57
N PRO B 233 17.38 -6.84 23.86
CA PRO B 233 16.13 -7.25 24.55
C PRO B 233 15.08 -6.16 24.54
N GLN B 234 15.53 -4.90 24.63
CA GLN B 234 14.61 -3.77 24.65
C GLN B 234 13.83 -3.68 23.35
N ARG B 235 14.50 -3.72 22.20
CA ARG B 235 13.78 -3.63 20.94
C ARG B 235 12.88 -4.84 20.72
N ILE B 236 13.38 -6.02 21.06
CA ILE B 236 12.58 -7.22 20.92
C ILE B 236 11.30 -7.13 21.78
N ALA B 237 11.41 -6.64 23.00
CA ALA B 237 10.25 -6.52 23.88
C ALA B 237 9.25 -5.49 23.34
N GLU B 238 9.75 -4.44 22.71
CA GLU B 238 8.91 -3.41 22.13
C GLU B 238 8.12 -4.00 20.96
N PHE B 239 8.80 -4.72 20.10
CA PHE B 239 8.13 -5.40 18.98
C PHE B 239 7.10 -6.37 19.52
N GLU B 240 7.50 -7.18 20.50
CA GLU B 240 6.62 -8.19 21.02
C GLU B 240 5.33 -7.58 21.59
N ALA B 241 5.45 -6.47 22.32
CA ALA B 241 4.25 -5.85 22.89
C ALA B 241 3.31 -5.32 21.81
N LEU B 242 3.86 -4.72 20.77
CA LEU B 242 3.04 -4.20 19.68
C LEU B 242 2.37 -5.33 18.94
N TRP B 243 3.14 -6.37 18.67
CA TRP B 243 2.59 -7.58 18.04
C TRP B 243 1.44 -8.18 18.85
N LYS B 244 1.62 -8.31 20.17
CA LYS B 244 0.59 -8.92 20.99
C LYS B 244 -0.69 -8.12 20.93
N GLU B 245 -0.59 -6.80 20.99
CA GLU B 245 -1.77 -5.95 20.95
C GLU B 245 -2.46 -6.06 19.57
N THR B 246 -1.65 -6.10 18.53
CA THR B 246 -2.17 -6.24 17.17
C THR B 246 -2.91 -7.57 16.99
N LYS B 247 -2.27 -8.66 17.45
CA LYS B 247 -2.89 -9.97 17.39
C LYS B 247 -4.20 -10.03 18.14
N ALA B 248 -4.25 -9.40 19.31
CA ALA B 248 -5.49 -9.39 20.07
C ALA B 248 -6.59 -8.68 19.26
N PHE B 249 -6.24 -7.59 18.58
CA PHE B 249 -7.23 -6.92 17.75
C PHE B 249 -7.70 -7.82 16.60
N VAL B 250 -6.79 -8.53 15.95
CA VAL B 250 -7.12 -9.47 14.89
C VAL B 250 -8.12 -10.49 15.42
N ASP B 251 -7.78 -11.12 16.53
CA ASP B 251 -8.53 -12.26 17.03
C ASP B 251 -9.87 -11.86 17.63
N GLU B 252 -9.92 -10.70 18.29
CA GLU B 252 -11.07 -10.29 19.09
C GLU B 252 -11.96 -9.23 18.42
N VAL B 253 -11.47 -8.58 17.37
CA VAL B 253 -12.24 -7.51 16.73
C VAL B 253 -12.42 -7.80 15.25
N TYR B 254 -11.34 -7.90 14.49
CA TYR B 254 -11.42 -8.11 13.05
C TYR B 254 -12.13 -9.41 12.73
N ILE B 255 -11.67 -10.57 13.20
CA ILE B 255 -12.29 -11.81 12.78
C ILE B 255 -13.79 -11.88 13.19
N PRO B 256 -14.14 -11.51 14.44
CA PRO B 256 -15.58 -11.51 14.74
C PRO B 256 -16.43 -10.59 13.84
N ASP B 257 -15.92 -9.41 13.49
CA ASP B 257 -16.66 -8.50 12.61
C ASP B 257 -16.78 -9.09 11.21
N LEU B 258 -15.69 -9.69 10.72
CA LEU B 258 -15.70 -10.32 9.41
C LEU B 258 -16.76 -11.39 9.35
N LEU B 259 -16.88 -12.18 10.41
CA LEU B 259 -17.84 -13.28 10.40
C LEU B 259 -19.27 -12.74 10.50
N VAL B 260 -19.51 -11.72 11.31
CA VAL B 260 -20.84 -11.14 11.38
C VAL B 260 -21.26 -10.55 10.04
N VAL B 261 -20.35 -9.84 9.40
CA VAL B 261 -20.66 -9.25 8.10
C VAL B 261 -20.91 -10.35 7.07
N ALA B 262 -20.06 -11.36 7.07
CA ALA B 262 -20.20 -12.45 6.09
C ALA B 262 -21.54 -13.16 6.28
N ALA B 263 -21.94 -13.38 7.53
CA ALA B 263 -23.19 -14.06 7.80
C ALA B 263 -24.37 -13.25 7.25
N ALA B 264 -24.29 -11.92 7.34
CA ALA B 264 -25.38 -11.07 6.87
C ALA B 264 -25.41 -10.98 5.36
N TYR B 265 -24.28 -11.26 4.70
CA TYR B 265 -24.14 -11.13 3.26
C TYR B 265 -23.86 -12.48 2.59
N LYS B 266 -24.51 -13.54 3.06
CA LYS B 266 -24.21 -14.87 2.54
C LYS B 266 -24.57 -15.04 1.07
N ASP B 267 -25.43 -14.18 0.54
CA ASP B 267 -25.67 -14.18 -0.90
C ASP B 267 -24.38 -13.91 -1.69
N TRP B 268 -23.38 -13.28 -1.06
CA TRP B 268 -22.12 -12.95 -1.74
C TRP B 268 -21.19 -14.13 -1.92
N THR B 269 -21.63 -15.32 -1.49
CA THR B 269 -21.00 -16.57 -1.94
C THR B 269 -21.32 -16.92 -3.38
N GLN B 270 -22.25 -16.19 -3.98
N GLN B 270 -22.27 -16.21 -3.99
CA GLN B 270 -22.71 -16.52 -5.32
CA GLN B 270 -22.73 -16.51 -5.34
C GLN B 270 -22.11 -15.66 -6.43
C GLN B 270 -22.02 -15.72 -6.44
N TYR B 271 -21.28 -14.69 -6.07
CA TYR B 271 -20.67 -13.76 -7.04
C TYR B 271 -19.17 -13.69 -6.84
N GLY B 272 -18.45 -13.37 -7.91
CA GLY B 272 -17.04 -13.02 -7.78
C GLY B 272 -16.06 -14.15 -7.77
N GLY B 273 -16.47 -15.32 -8.26
CA GLY B 273 -15.60 -16.48 -8.37
C GLY B 273 -14.58 -16.40 -9.51
N THR B 274 -13.53 -17.19 -9.36
CA THR B 274 -12.45 -17.31 -10.33
C THR B 274 -12.00 -18.76 -10.39
N ASP B 275 -11.20 -19.08 -11.40
CA ASP B 275 -10.84 -20.45 -11.72
C ASP B 275 -9.45 -20.92 -11.34
N ASN B 276 -8.46 -20.05 -11.48
CA ASN B 276 -7.06 -20.47 -11.41
C ASN B 276 -6.35 -19.63 -10.36
N PHE B 277 -5.36 -20.24 -9.68
CA PHE B 277 -4.70 -19.62 -8.52
C PHE B 277 -3.21 -19.84 -8.58
N ILE B 278 -2.44 -18.81 -8.20
CA ILE B 278 -0.99 -18.94 -8.10
C ILE B 278 -0.53 -18.30 -6.81
N THR B 279 0.49 -18.88 -6.18
CA THR B 279 1.04 -18.35 -4.94
C THR B 279 2.51 -18.73 -4.86
N PHE B 280 3.33 -17.89 -4.24
CA PHE B 280 4.80 -18.10 -4.25
C PHE B 280 5.38 -18.65 -2.94
N GLY B 281 4.56 -18.70 -1.89
CA GLY B 281 5.02 -19.08 -0.56
C GLY B 281 5.71 -17.93 0.16
N GLU B 282 5.76 -17.99 1.48
CA GLU B 282 6.37 -16.91 2.26
C GLU B 282 6.85 -17.39 3.62
N PHE B 283 7.84 -16.67 4.15
CA PHE B 283 8.47 -16.88 5.46
C PHE B 283 9.46 -18.04 5.39
N PRO B 284 10.57 -17.86 4.67
CA PRO B 284 11.50 -18.97 4.46
C PRO B 284 12.35 -19.31 5.66
N LYS B 285 12.75 -20.58 5.73
CA LYS B 285 13.92 -20.97 6.50
C LYS B 285 15.19 -20.96 5.65
N ASP B 286 15.02 -21.17 4.33
CA ASP B 286 16.13 -21.25 3.36
C ASP B 286 15.82 -20.31 2.22
N GLU B 287 16.64 -19.27 2.09
CA GLU B 287 16.37 -18.23 1.08
C GLU B 287 16.46 -18.77 -0.36
N TYR B 288 17.05 -19.95 -0.56
CA TYR B 288 17.18 -20.56 -1.89
C TYR B 288 16.20 -21.72 -2.09
N ASP B 289 15.20 -21.84 -1.24
CA ASP B 289 14.24 -22.92 -1.40
C ASP B 289 12.82 -22.44 -1.06
N LEU B 290 12.00 -22.20 -2.07
CA LEU B 290 10.64 -21.70 -1.82
C LEU B 290 9.86 -22.68 -0.98
N ASN B 291 10.16 -23.98 -1.11
CA ASN B 291 9.45 -24.99 -0.35
C ASN B 291 9.89 -25.12 1.12
N SER B 292 10.84 -24.27 1.55
CA SER B 292 11.17 -24.14 2.96
C SER B 292 10.30 -23.11 3.66
N ARG B 293 9.36 -22.51 2.93
CA ARG B 293 8.56 -21.43 3.46
C ARG B 293 7.34 -21.95 4.24
N PHE B 294 6.89 -21.16 5.23
CA PHE B 294 5.75 -21.52 6.08
C PHE B 294 4.51 -21.75 5.24
N PHE B 295 4.28 -20.85 4.30
CA PHE B 295 3.34 -21.13 3.22
C PHE B 295 4.15 -21.53 2.00
N LYS B 296 3.73 -22.57 1.28
CA LYS B 296 4.48 -23.05 0.12
C LYS B 296 3.91 -22.55 -1.21
N PRO B 297 4.76 -22.49 -2.23
CA PRO B 297 4.27 -22.09 -3.56
C PRO B 297 3.36 -23.15 -4.19
N GLY B 298 2.60 -22.76 -5.21
CA GLY B 298 1.81 -23.72 -5.95
C GLY B 298 0.99 -23.04 -7.02
N VAL B 299 0.50 -23.87 -7.95
CA VAL B 299 -0.34 -23.45 -9.05
C VAL B 299 -1.54 -24.39 -9.15
N VAL B 300 -2.73 -23.80 -9.29
CA VAL B 300 -3.95 -24.60 -9.45
C VAL B 300 -4.73 -24.07 -10.64
N PHE B 301 -5.10 -24.99 -11.53
CA PHE B 301 -5.95 -24.68 -12.67
C PHE B 301 -7.36 -25.20 -12.45
N LYS B 302 -8.35 -24.41 -12.83
CA LYS B 302 -9.75 -24.88 -12.91
C LYS B 302 -10.23 -25.51 -11.57
N ARG B 303 -9.82 -24.88 -10.48
CA ARG B 303 -10.22 -25.30 -9.15
C ARG B 303 -9.86 -26.75 -8.80
N ASP B 304 -8.85 -27.27 -9.47
CA ASP B 304 -8.45 -28.67 -9.24
C ASP B 304 -7.36 -28.71 -8.16
N PHE B 305 -7.80 -28.71 -6.90
CA PHE B 305 -6.91 -28.63 -5.75
C PHE B 305 -6.35 -29.98 -5.37
N LYS B 306 -6.88 -31.04 -5.99
CA LYS B 306 -6.32 -32.38 -5.80
C LYS B 306 -5.04 -32.52 -6.61
N ASN B 307 -4.89 -31.70 -7.64
CA ASN B 307 -3.71 -31.76 -8.51
C ASN B 307 -2.98 -30.42 -8.57
N ILE B 308 -2.44 -30.02 -7.42
CA ILE B 308 -1.65 -28.81 -7.37
C ILE B 308 -0.40 -29.05 -8.20
N LYS B 309 -0.04 -28.07 -9.02
CA LYS B 309 1.12 -28.17 -9.89
C LYS B 309 2.28 -27.39 -9.22
N PRO B 310 3.51 -27.84 -9.43
CA PRO B 310 4.66 -27.07 -8.94
C PRO B 310 4.73 -25.74 -9.66
N PHE B 311 5.19 -24.70 -8.96
CA PHE B 311 5.42 -23.42 -9.58
C PHE B 311 6.74 -23.45 -10.36
N ASP B 312 6.63 -23.24 -11.66
CA ASP B 312 7.76 -23.16 -12.59
C ASP B 312 7.87 -21.73 -13.05
N LYS B 313 8.89 -21.03 -12.54
CA LYS B 313 9.05 -19.61 -12.81
C LYS B 313 9.27 -19.27 -14.27
N MET B 314 9.64 -20.27 -15.08
CA MET B 314 9.84 -20.04 -16.52
C MET B 314 8.53 -20.02 -17.33
N GLN B 315 7.39 -20.29 -16.70
CA GLN B 315 6.10 -20.31 -17.39
C GLN B 315 5.30 -18.99 -17.26
N ILE B 316 5.94 -17.96 -16.72
CA ILE B 316 5.36 -16.62 -16.62
C ILE B 316 5.68 -15.86 -17.91
N GLU B 317 4.65 -15.28 -18.53
CA GLU B 317 4.86 -14.32 -19.62
C GLU B 317 3.89 -13.16 -19.44
N GLU B 318 4.38 -11.95 -19.69
CA GLU B 318 3.54 -10.75 -19.59
C GLU B 318 3.15 -10.26 -20.96
N HIS B 319 1.83 -10.26 -21.21
CA HIS B 319 1.25 -9.78 -22.44
C HIS B 319 1.05 -8.28 -22.45
N VAL B 320 1.09 -7.71 -23.67
CA VAL B 320 0.82 -6.32 -23.88
C VAL B 320 -0.20 -6.02 -24.95
N ARG B 321 -0.77 -7.04 -25.59
CA ARG B 321 -1.70 -6.80 -26.69
C ARG B 321 -2.85 -5.84 -26.34
N HIS B 322 -3.37 -5.88 -25.09
CA HIS B 322 -4.47 -5.01 -24.68
C HIS B 322 -4.00 -3.93 -23.70
N SER B 323 -2.68 -3.71 -23.69
CA SER B 323 -2.06 -2.73 -22.82
C SER B 323 -1.43 -1.62 -23.66
N TRP B 324 -1.14 -0.50 -23.00
CA TRP B 324 -0.59 0.66 -23.66
C TRP B 324 0.94 0.57 -23.80
N TYR B 325 1.37 -0.50 -24.48
CA TYR B 325 2.79 -0.70 -24.79
C TYR B 325 2.92 -1.07 -26.25
N GLU B 326 4.13 -1.00 -26.80
N GLU B 326 4.12 -0.99 -26.80
CA GLU B 326 4.33 -1.26 -28.21
CA GLU B 326 4.33 -1.26 -28.22
C GLU B 326 4.07 -2.73 -28.55
C GLU B 326 4.07 -2.73 -28.55
N GLY B 327 3.35 -2.97 -29.64
CA GLY B 327 3.22 -4.31 -30.16
C GLY B 327 2.36 -5.24 -29.32
N ALA B 328 2.70 -6.51 -29.41
CA ALA B 328 1.85 -7.56 -28.88
C ALA B 328 2.65 -8.74 -28.35
N GLU B 329 3.95 -8.60 -28.19
N GLU B 329 3.97 -8.60 -28.19
CA GLU B 329 4.76 -9.71 -27.72
CA GLU B 329 4.84 -9.65 -27.66
C GLU B 329 4.64 -9.91 -26.21
C GLU B 329 4.58 -9.89 -26.20
N ALA B 330 4.40 -11.16 -25.84
CA ALA B 330 4.42 -11.57 -24.45
C ALA B 330 5.85 -11.99 -24.13
N ARG B 331 6.39 -11.48 -23.05
CA ARG B 331 7.79 -11.71 -22.64
C ARG B 331 7.86 -12.31 -21.25
N HIS B 332 8.75 -13.28 -21.08
CA HIS B 332 9.20 -13.68 -19.75
C HIS B 332 9.97 -12.51 -19.11
N PRO B 333 9.84 -12.29 -17.78
CA PRO B 333 10.44 -11.07 -17.22
C PRO B 333 11.95 -10.99 -17.29
N TRP B 334 12.68 -12.10 -17.40
CA TRP B 334 14.12 -11.97 -17.63
C TRP B 334 14.45 -11.43 -19.02
N LYS B 335 13.45 -11.39 -19.90
CA LYS B 335 13.51 -10.74 -21.22
C LYS B 335 12.42 -9.65 -21.33
N GLY B 336 12.07 -9.04 -20.21
CA GLY B 336 10.98 -8.10 -20.23
C GLY B 336 11.34 -6.82 -20.93
N GLN B 337 10.32 -6.11 -21.38
CA GLN B 337 10.49 -4.78 -21.95
C GLN B 337 9.30 -3.92 -21.60
N THR B 338 9.56 -2.62 -21.43
CA THR B 338 8.56 -1.68 -21.01
C THR B 338 8.64 -0.47 -21.92
N GLN B 339 7.80 -0.51 -22.96
CA GLN B 339 7.86 0.40 -24.12
C GLN B 339 6.51 1.10 -24.27
N PRO B 340 6.32 2.22 -23.56
CA PRO B 340 4.98 2.83 -23.55
C PRO B 340 4.50 3.27 -24.93
N LYS B 341 3.21 3.11 -25.16
CA LYS B 341 2.56 3.55 -26.40
C LYS B 341 1.08 3.69 -26.07
N TYR B 342 0.68 4.90 -25.75
CA TYR B 342 -0.69 5.19 -25.36
C TYR B 342 -1.59 5.36 -26.58
N THR B 343 -2.78 4.75 -26.51
CA THR B 343 -3.75 4.81 -27.60
C THR B 343 -5.13 5.28 -27.14
N ASP B 344 -5.25 5.75 -25.89
CA ASP B 344 -6.52 6.12 -25.30
C ASP B 344 -7.41 4.89 -25.05
N LEU B 345 -8.54 5.10 -24.40
CA LEU B 345 -9.38 4.01 -23.96
C LEU B 345 -9.97 3.25 -25.14
N HIS B 346 -9.57 1.98 -25.22
CA HIS B 346 -10.01 1.07 -26.27
C HIS B 346 -9.42 1.40 -27.65
N GLY B 347 -8.47 2.33 -27.71
CA GLY B 347 -7.79 2.59 -28.97
C GLY B 347 -6.90 1.43 -29.32
N ASP B 348 -7.00 0.92 -30.55
CA ASP B 348 -6.21 -0.25 -30.94
C ASP B 348 -6.41 -1.41 -29.96
N ASP B 349 -7.63 -1.51 -29.43
CA ASP B 349 -8.02 -2.62 -28.54
C ASP B 349 -7.20 -2.66 -27.24
N ARG B 350 -6.78 -1.50 -26.75
CA ARG B 350 -5.97 -1.43 -25.52
C ARG B 350 -6.63 -0.51 -24.52
N TYR B 351 -6.49 -0.83 -23.25
CA TYR B 351 -7.25 -0.10 -22.22
C TYR B 351 -6.59 -0.04 -20.84
N SER B 352 -5.30 -0.37 -20.73
CA SER B 352 -4.68 -0.32 -19.42
C SER B 352 -3.19 -0.12 -19.52
N TRP B 353 -2.62 0.51 -18.47
CA TRP B 353 -1.17 0.57 -18.27
C TRP B 353 -0.61 -0.69 -17.61
N MET B 354 -1.44 -1.62 -17.11
CA MET B 354 -0.87 -2.88 -16.63
C MET B 354 -0.60 -3.80 -17.79
N LYS B 355 0.50 -4.53 -17.71
CA LYS B 355 0.69 -5.71 -18.52
C LYS B 355 -0.28 -6.82 -18.03
N ALA B 356 -0.39 -7.90 -18.80
CA ALA B 356 -1.29 -9.04 -18.50
C ALA B 356 -0.46 -10.28 -18.30
N PRO B 357 -0.05 -10.56 -17.04
CA PRO B 357 0.71 -11.79 -16.80
C PRO B 357 -0.15 -13.03 -16.97
N ARG B 358 0.42 -14.05 -17.61
CA ARG B 358 -0.24 -15.32 -17.75
C ARG B 358 0.76 -16.41 -17.37
N TYR B 359 0.23 -17.48 -16.79
CA TYR B 359 1.03 -18.64 -16.37
C TYR B 359 0.58 -19.83 -17.25
N MET B 360 1.49 -20.37 -18.06
CA MET B 360 1.10 -21.37 -19.07
C MET B 360 -0.10 -20.85 -19.86
N GLY B 361 -0.12 -19.54 -20.12
CA GLY B 361 -1.17 -18.93 -20.92
C GLY B 361 -2.47 -18.61 -20.18
N GLU B 362 -2.54 -18.91 -18.89
CA GLU B 362 -3.79 -18.78 -18.15
C GLU B 362 -3.77 -17.57 -17.20
N PRO B 363 -4.90 -16.91 -17.02
CA PRO B 363 -5.04 -15.84 -16.03
C PRO B 363 -5.14 -16.44 -14.65
N MET B 364 -4.40 -15.89 -13.69
CA MET B 364 -4.29 -16.47 -12.36
C MET B 364 -4.65 -15.45 -11.29
N GLU B 365 -5.60 -15.81 -10.42
CA GLU B 365 -5.77 -15.05 -9.20
C GLU B 365 -4.61 -15.31 -8.27
N THR B 366 -4.12 -14.26 -7.62
CA THR B 366 -3.17 -14.38 -6.54
C THR B 366 -3.65 -13.54 -5.37
N GLY B 367 -3.06 -13.74 -4.19
CA GLY B 367 -3.47 -13.03 -2.99
C GLY B 367 -3.98 -13.99 -1.92
N PRO B 368 -4.69 -13.46 -0.93
CA PRO B 368 -5.06 -14.30 0.22
C PRO B 368 -5.86 -15.53 -0.14
N LEU B 369 -6.78 -15.44 -1.09
CA LEU B 369 -7.54 -16.63 -1.42
C LEU B 369 -6.65 -17.71 -2.02
N ALA B 370 -5.76 -17.32 -2.91
CA ALA B 370 -4.79 -18.28 -3.45
C ALA B 370 -3.91 -18.89 -2.38
N GLN B 371 -3.35 -18.05 -1.50
CA GLN B 371 -2.43 -18.53 -0.49
C GLN B 371 -3.15 -19.50 0.47
N VAL B 372 -4.34 -19.11 0.91
CA VAL B 372 -5.11 -19.92 1.82
C VAL B 372 -5.56 -21.23 1.18
N LEU B 373 -6.15 -21.18 -0.02
CA LEU B 373 -6.66 -22.41 -0.61
C LEU B 373 -5.53 -23.39 -0.94
N ILE B 374 -4.43 -22.86 -1.47
CA ILE B 374 -3.32 -23.73 -1.86
C ILE B 374 -2.69 -24.31 -0.57
N ALA B 375 -2.47 -23.51 0.45
CA ALA B 375 -1.92 -24.02 1.71
C ALA B 375 -2.83 -25.07 2.34
N TYR B 376 -4.13 -24.82 2.35
CA TYR B 376 -5.09 -25.80 2.86
C TYR B 376 -4.89 -27.13 2.13
N SER B 377 -4.81 -27.05 0.81
CA SER B 377 -4.75 -28.24 -0.03
C SER B 377 -3.41 -28.98 0.07
N GLN B 378 -2.41 -28.28 0.60
CA GLN B 378 -1.11 -28.86 0.86
C GLN B 378 -1.03 -29.48 2.25
N GLY B 379 -2.13 -29.38 3.00
CA GLY B 379 -2.20 -29.93 4.36
C GLY B 379 -1.70 -29.04 5.47
N HIS B 380 -1.59 -27.74 5.20
CA HIS B 380 -1.07 -26.80 6.21
C HIS B 380 -1.99 -26.85 7.42
N PRO B 381 -1.45 -27.25 8.58
CA PRO B 381 -2.39 -27.52 9.68
C PRO B 381 -3.03 -26.26 10.29
N LYS B 382 -2.31 -25.14 10.33
CA LYS B 382 -2.87 -23.93 10.90
C LYS B 382 -3.94 -23.35 9.98
N VAL B 383 -3.65 -23.32 8.68
CA VAL B 383 -4.63 -22.85 7.71
C VAL B 383 -5.86 -23.72 7.76
N LYS B 384 -5.69 -25.03 7.80
CA LYS B 384 -6.87 -25.89 7.84
C LYS B 384 -7.74 -25.63 9.09
N ALA B 385 -7.13 -25.52 10.27
CA ALA B 385 -7.89 -25.32 11.50
C ALA B 385 -8.71 -24.04 11.45
N VAL B 386 -8.09 -22.95 11.01
CA VAL B 386 -8.78 -21.67 11.00
C VAL B 386 -9.87 -21.66 9.91
N THR B 387 -9.53 -22.15 8.73
CA THR B 387 -10.48 -22.17 7.61
C THR B 387 -11.71 -23.02 7.98
N ASP B 388 -11.47 -24.18 8.58
CA ASP B 388 -12.58 -25.04 8.94
C ASP B 388 -13.46 -24.38 10.00
N ALA B 389 -12.84 -23.68 10.94
CA ALA B 389 -13.62 -23.01 11.98
C ALA B 389 -14.49 -21.91 11.36
N VAL B 390 -13.94 -21.18 10.40
CA VAL B 390 -14.70 -20.14 9.75
C VAL B 390 -15.89 -20.70 8.97
N LEU B 391 -15.65 -21.73 8.17
CA LEU B 391 -16.73 -22.34 7.39
C LEU B 391 -17.84 -22.85 8.32
N ALA B 392 -17.46 -23.50 9.43
CA ALA B 392 -18.44 -24.04 10.36
C ALA B 392 -19.28 -22.93 11.00
N LYS B 393 -18.63 -21.84 11.39
CA LYS B 393 -19.34 -20.74 12.01
C LYS B 393 -20.35 -20.10 11.05
N LEU B 394 -19.99 -20.00 9.78
CA LEU B 394 -20.87 -19.43 8.77
C LEU B 394 -21.90 -20.42 8.25
N GLY B 395 -21.72 -21.69 8.53
CA GLY B 395 -22.63 -22.72 8.06
C GLY B 395 -22.59 -22.91 6.55
N VAL B 396 -21.40 -22.87 5.96
CA VAL B 396 -21.24 -23.04 4.53
C VAL B 396 -20.20 -24.11 4.25
N GLY B 397 -20.29 -24.70 3.07
CA GLY B 397 -19.30 -25.65 2.61
C GLY B 397 -18.16 -24.95 1.88
N PRO B 398 -17.16 -25.73 1.49
CA PRO B 398 -15.92 -25.17 0.93
C PRO B 398 -16.15 -24.44 -0.38
N GLU B 399 -17.18 -24.80 -1.12
CA GLU B 399 -17.50 -24.15 -2.39
C GLU B 399 -17.76 -22.67 -2.20
N ALA B 400 -18.19 -22.29 -1.01
CA ALA B 400 -18.45 -20.89 -0.70
C ALA B 400 -17.20 -20.03 -0.79
N LEU B 401 -16.02 -20.64 -0.71
CA LEU B 401 -14.79 -19.84 -0.75
C LEU B 401 -14.51 -19.27 -2.13
N PHE B 402 -15.11 -19.83 -3.18
CA PHE B 402 -14.86 -19.35 -4.54
C PHE B 402 -15.78 -18.20 -4.89
N SER B 403 -15.55 -17.07 -4.23
CA SER B 403 -16.49 -15.97 -4.30
C SER B 403 -15.87 -14.73 -3.69
N THR B 404 -16.57 -13.62 -3.89
CA THR B 404 -16.19 -12.36 -3.23
C THR B 404 -16.21 -12.48 -1.71
N LEU B 405 -17.24 -13.13 -1.17
CA LEU B 405 -17.28 -13.36 0.27
C LEU B 405 -16.11 -14.24 0.72
N GLY B 406 -15.89 -15.32 -0.01
CA GLY B 406 -14.82 -16.26 0.29
C GLY B 406 -13.44 -15.59 0.30
N ARG B 407 -13.21 -14.71 -0.68
CA ARG B 407 -11.94 -13.97 -0.78
C ARG B 407 -11.73 -13.05 0.41
N THR B 408 -12.82 -12.40 0.80
CA THR B 408 -12.79 -11.49 1.95
C THR B 408 -12.49 -12.29 3.25
N ALA B 409 -13.15 -13.44 3.36
CA ALA B 409 -12.92 -14.37 4.47
C ALA B 409 -11.45 -14.87 4.50
N ALA B 410 -10.92 -15.20 3.34
CA ALA B 410 -9.55 -15.69 3.25
C ALA B 410 -8.54 -14.66 3.72
N ARG B 411 -8.79 -13.38 3.42
CA ARG B 411 -7.92 -12.32 3.92
C ARG B 411 -7.88 -12.37 5.45
N GLY B 412 -9.04 -12.53 6.10
CA GLY B 412 -9.04 -12.65 7.55
C GLY B 412 -8.35 -13.91 8.03
N ILE B 413 -8.63 -15.04 7.40
CA ILE B 413 -7.99 -16.28 7.78
C ILE B 413 -6.46 -16.18 7.76
N GLU B 414 -5.93 -15.62 6.69
CA GLU B 414 -4.49 -15.45 6.56
C GLU B 414 -3.95 -14.52 7.64
N THR B 415 -4.69 -13.47 7.94
CA THR B 415 -4.29 -12.53 9.00
C THR B 415 -4.17 -13.24 10.35
N ALA B 416 -5.17 -14.04 10.66
CA ALA B 416 -5.17 -14.80 11.93
C ALA B 416 -4.00 -15.79 11.99
N VAL B 417 -3.78 -16.50 10.90
CA VAL B 417 -2.69 -17.47 10.86
C VAL B 417 -1.32 -16.80 10.98
N ILE B 418 -1.12 -15.73 10.22
CA ILE B 418 0.15 -15.04 10.28
C ILE B 418 0.34 -14.38 11.64
N ALA B 419 -0.72 -13.84 12.24
CA ALA B 419 -0.56 -13.25 13.57
C ALA B 419 -0.02 -14.26 14.58
N GLU B 420 -0.52 -15.48 14.52
N GLU B 420 -0.51 -15.50 14.53
CA GLU B 420 0.01 -16.54 15.38
CA GLU B 420 0.01 -16.53 15.43
C GLU B 420 1.46 -16.88 15.02
C GLU B 420 1.44 -16.98 15.04
N TYR B 421 1.75 -17.04 13.74
CA TYR B 421 3.07 -17.48 13.32
C TYR B 421 4.15 -16.46 13.62
N VAL B 422 3.80 -15.17 13.63
CA VAL B 422 4.79 -14.16 14.05
C VAL B 422 5.38 -14.48 15.45
N GLY B 423 4.55 -14.97 16.36
CA GLY B 423 5.03 -15.35 17.69
C GLY B 423 5.99 -16.51 17.64
N VAL B 424 5.75 -17.46 16.74
CA VAL B 424 6.66 -18.59 16.58
C VAL B 424 8.00 -18.11 16.02
N MET B 425 7.96 -17.29 14.95
CA MET B 425 9.20 -16.71 14.42
C MET B 425 9.95 -15.91 15.49
N LEU B 426 9.23 -15.11 16.27
CA LEU B 426 9.85 -14.29 17.28
C LEU B 426 10.59 -15.15 18.32
N GLN B 427 9.97 -16.25 18.75
CA GLN B 427 10.60 -17.14 19.70
C GLN B 427 11.83 -17.82 19.11
N GLU B 428 11.77 -18.24 17.84
CA GLU B 428 12.92 -18.83 17.18
C GLU B 428 14.07 -17.83 17.09
N TYR B 429 13.74 -16.59 16.78
CA TYR B 429 14.73 -15.54 16.71
C TYR B 429 15.42 -15.33 18.07
N LYS B 430 14.60 -15.17 19.12
CA LYS B 430 15.13 -15.06 20.50
C LYS B 430 16.03 -16.23 20.84
N ASP B 431 15.61 -17.42 20.48
CA ASP B 431 16.36 -18.62 20.82
C ASP B 431 17.71 -18.59 20.09
N ASN B 432 17.70 -18.10 18.87
CA ASN B 432 18.93 -18.05 18.07
C ASN B 432 19.92 -17.07 18.69
N ILE B 433 19.44 -15.90 19.12
CA ILE B 433 20.30 -14.93 19.79
C ILE B 433 20.87 -15.56 21.09
N ALA B 434 20.02 -16.27 21.81
CA ALA B 434 20.40 -16.84 23.12
C ALA B 434 21.52 -17.86 22.98
N LYS B 435 21.59 -18.52 21.83
CA LYS B 435 22.65 -19.48 21.53
C LYS B 435 23.95 -18.81 21.14
N GLY B 436 23.95 -17.49 21.00
CA GLY B 436 25.18 -16.77 20.69
C GLY B 436 25.32 -16.23 19.28
N ASP B 437 24.30 -16.39 18.44
CA ASP B 437 24.39 -15.88 17.09
C ASP B 437 23.91 -14.46 17.04
N ASN B 438 24.89 -13.56 16.90
CA ASN B 438 24.63 -12.12 16.86
C ASN B 438 25.00 -11.51 15.50
N VAL B 439 25.04 -12.35 14.46
CA VAL B 439 25.39 -11.88 13.12
C VAL B 439 24.11 -11.56 12.32
N ILE B 440 24.14 -10.44 11.60
CA ILE B 440 23.00 -9.97 10.83
C ILE B 440 23.27 -9.64 9.38
N CYS B 441 24.53 -9.63 8.97
CA CYS B 441 24.88 -9.31 7.57
C CYS B 441 26.10 -10.10 7.15
N ALA B 442 26.09 -10.58 5.90
CA ALA B 442 27.17 -11.37 5.29
C ALA B 442 27.87 -10.56 4.18
N PRO B 443 29.18 -10.74 4.02
CA PRO B 443 29.90 -10.09 2.91
C PRO B 443 29.55 -10.75 1.58
N TRP B 444 29.70 -9.98 0.52
CA TRP B 444 29.41 -10.46 -0.82
C TRP B 444 30.16 -9.61 -1.83
N GLU B 445 30.20 -10.10 -3.07
N GLU B 445 30.14 -10.06 -3.08
CA GLU B 445 30.85 -9.38 -4.16
CA GLU B 445 30.85 -9.39 -4.15
C GLU B 445 29.90 -9.28 -5.34
C GLU B 445 29.96 -9.31 -5.38
N MET B 446 29.98 -8.17 -6.07
CA MET B 446 29.14 -7.96 -7.23
C MET B 446 29.73 -8.69 -8.44
N PRO B 447 28.97 -9.58 -9.05
CA PRO B 447 29.42 -10.19 -10.31
C PRO B 447 29.29 -9.17 -11.44
N LYS B 448 30.11 -9.26 -12.47
CA LYS B 448 29.93 -8.34 -13.59
C LYS B 448 28.68 -8.72 -14.39
N GLN B 449 28.42 -10.01 -14.48
N GLN B 449 28.43 -10.02 -14.51
CA GLN B 449 27.26 -10.52 -15.23
CA GLN B 449 27.24 -10.52 -15.20
C GLN B 449 26.52 -11.60 -14.45
C GLN B 449 26.53 -11.56 -14.36
N ALA B 450 25.20 -11.46 -14.30
CA ALA B 450 24.41 -12.41 -13.54
C ALA B 450 22.92 -12.23 -13.81
N GLU B 451 22.14 -13.24 -13.47
CA GLU B 451 20.70 -13.11 -13.41
C GLU B 451 20.25 -13.44 -11.99
N GLY B 452 19.21 -12.76 -11.51
CA GLY B 452 18.62 -13.07 -10.23
C GLY B 452 17.12 -12.89 -10.26
N VAL B 453 16.47 -13.54 -9.29
CA VAL B 453 15.05 -13.37 -9.06
C VAL B 453 14.80 -13.42 -7.58
N GLY B 454 13.87 -12.58 -7.14
CA GLY B 454 13.40 -12.57 -5.77
C GLY B 454 11.90 -12.73 -5.73
N PHE B 455 11.43 -13.57 -4.81
CA PHE B 455 10.01 -13.90 -4.65
C PHE B 455 9.52 -13.51 -3.28
N VAL B 456 8.44 -12.77 -3.21
CA VAL B 456 7.75 -12.44 -1.96
C VAL B 456 6.28 -12.80 -2.20
N ASN B 457 5.65 -13.43 -1.22
CA ASN B 457 4.20 -13.46 -1.21
C ASN B 457 3.77 -12.31 -0.32
N ALA B 458 3.32 -11.25 -0.96
CA ALA B 458 2.92 -10.02 -0.34
C ALA B 458 1.43 -10.13 0.08
N PRO B 459 0.92 -9.09 0.78
CA PRO B 459 -0.50 -9.16 1.18
C PRO B 459 -1.48 -9.34 0.01
N ARG B 460 -1.12 -8.94 -1.20
CA ARG B 460 -1.97 -9.11 -2.36
C ARG B 460 -1.54 -10.28 -3.23
N GLY B 461 -0.48 -11.01 -2.86
CA GLY B 461 -0.09 -12.21 -3.58
C GLY B 461 1.34 -12.25 -4.08
N GLY B 462 1.53 -13.02 -5.15
CA GLY B 462 2.88 -13.36 -5.61
C GLY B 462 3.59 -12.24 -6.33
N LEU B 463 4.64 -11.72 -5.67
CA LEU B 463 5.50 -10.64 -6.15
C LEU B 463 6.83 -11.22 -6.59
N SER B 464 7.30 -10.84 -7.78
CA SER B 464 8.61 -11.26 -8.22
C SER B 464 9.32 -10.11 -8.88
N HIS B 465 10.60 -9.98 -8.52
CA HIS B 465 11.51 -9.00 -9.11
C HIS B 465 12.62 -9.76 -9.83
N TRP B 466 13.01 -9.29 -11.02
CA TRP B 466 13.87 -10.04 -11.92
C TRP B 466 14.96 -9.11 -12.41
N ILE B 467 16.22 -9.49 -12.19
CA ILE B 467 17.33 -8.68 -12.62
C ILE B 467 18.26 -9.41 -13.57
N ARG B 468 18.73 -8.64 -14.57
CA ARG B 468 19.88 -9.00 -15.39
C ARG B 468 20.95 -7.97 -15.10
N ILE B 469 22.05 -8.43 -14.49
CA ILE B 469 23.21 -7.61 -14.21
C ILE B 469 24.18 -7.73 -15.41
N GLU B 470 24.58 -6.60 -15.98
CA GLU B 470 25.48 -6.54 -17.12
C GLU B 470 26.50 -5.46 -16.80
N ASP B 471 27.78 -5.78 -16.94
CA ASP B 471 28.85 -4.87 -16.59
C ASP B 471 28.70 -4.34 -15.17
N GLY B 472 28.22 -5.17 -14.26
CA GLY B 472 28.03 -4.77 -12.86
C GLY B 472 26.90 -3.79 -12.59
N LYS B 473 26.07 -3.54 -13.60
CA LYS B 473 25.03 -2.53 -13.53
C LYS B 473 23.70 -3.21 -13.85
N ILE B 474 22.58 -2.49 -13.66
CA ILE B 474 21.31 -3.03 -14.04
C ILE B 474 21.16 -3.03 -15.57
N GLY B 475 21.20 -4.20 -16.20
CA GLY B 475 20.90 -4.33 -17.63
C GLY B 475 19.40 -4.37 -17.88
N ASN B 476 18.67 -5.04 -17.00
CA ASN B 476 17.22 -5.05 -17.03
C ASN B 476 16.73 -5.33 -15.64
N PHE B 477 15.65 -4.69 -15.27
CA PHE B 477 15.02 -4.93 -13.96
C PHE B 477 13.54 -4.92 -14.21
N GLN B 478 12.87 -6.04 -13.96
CA GLN B 478 11.44 -6.16 -14.24
C GLN B 478 10.70 -6.58 -12.99
N LEU B 479 9.58 -5.90 -12.74
N LEU B 479 9.57 -5.91 -12.75
CA LEU B 479 8.68 -6.23 -11.64
CA LEU B 479 8.66 -6.24 -11.67
C LEU B 479 7.44 -6.88 -12.22
C LEU B 479 7.43 -6.92 -12.25
N VAL B 480 7.01 -8.00 -11.62
CA VAL B 480 5.72 -8.65 -11.94
C VAL B 480 4.99 -8.72 -10.59
N VAL B 481 3.91 -7.97 -10.44
CA VAL B 481 3.40 -7.64 -9.13
C VAL B 481 2.03 -8.32 -8.95
N PRO B 482 1.62 -8.60 -7.70
CA PRO B 482 0.36 -9.35 -7.55
C PRO B 482 -0.85 -8.74 -8.25
N SER B 483 -1.03 -7.42 -8.10
CA SER B 483 -2.15 -6.77 -8.76
C SER B 483 -2.02 -6.77 -10.26
N THR B 484 -0.80 -6.91 -10.79
CA THR B 484 -0.65 -7.09 -12.25
C THR B 484 -1.37 -8.38 -12.67
N TRP B 485 -1.12 -9.47 -11.96
CA TRP B 485 -1.80 -10.75 -12.22
C TRP B 485 -3.33 -10.61 -12.16
N THR B 486 -3.79 -10.03 -11.07
N THR B 486 -3.82 -10.05 -11.06
CA THR B 486 -5.19 -10.05 -10.72
CA THR B 486 -5.26 -10.11 -10.80
C THR B 486 -6.04 -9.03 -11.47
C THR B 486 -6.05 -9.02 -11.54
N LEU B 487 -5.49 -7.83 -11.63
CA LEU B 487 -6.18 -6.69 -12.21
C LEU B 487 -5.65 -6.22 -13.57
N GLY B 488 -4.66 -6.87 -14.12
CA GLY B 488 -4.22 -6.55 -15.47
C GLY B 488 -5.33 -6.84 -16.45
N PRO B 489 -5.15 -6.40 -17.68
CA PRO B 489 -6.18 -6.57 -18.70
C PRO B 489 -6.14 -7.97 -19.32
N ARG B 490 -6.89 -8.11 -20.42
CA ARG B 490 -6.86 -9.30 -21.27
C ARG B 490 -5.47 -9.48 -21.90
N CYS B 491 -5.19 -10.73 -22.26
CA CYS B 491 -3.96 -11.10 -22.96
C CYS B 491 -4.22 -11.28 -24.48
N ASP B 492 -3.21 -11.70 -25.22
CA ASP B 492 -3.40 -11.89 -26.68
C ASP B 492 -4.28 -13.08 -27.05
N LYS B 493 -4.76 -13.86 -26.09
CA LYS B 493 -5.78 -14.89 -26.32
C LYS B 493 -7.16 -14.38 -25.92
N ASN B 494 -7.24 -13.09 -25.56
CA ASN B 494 -8.48 -12.42 -25.18
C ASN B 494 -9.10 -12.95 -23.90
N LYS B 495 -8.31 -13.61 -23.08
N LYS B 495 -8.30 -13.60 -23.06
CA LYS B 495 -8.81 -14.15 -21.82
CA LYS B 495 -8.80 -14.15 -21.82
C LYS B 495 -8.95 -13.04 -20.81
C LYS B 495 -8.95 -13.03 -20.79
N LEU B 496 -10.13 -12.95 -20.19
CA LEU B 496 -10.37 -11.96 -19.15
C LEU B 496 -9.44 -12.21 -17.96
N SER B 497 -8.98 -11.15 -17.34
CA SER B 497 -8.21 -11.28 -16.13
C SER B 497 -9.10 -11.70 -14.97
N PRO B 498 -8.51 -12.09 -13.83
CA PRO B 498 -9.34 -12.53 -12.72
C PRO B 498 -10.39 -11.50 -12.30
N VAL B 499 -10.02 -10.24 -12.16
CA VAL B 499 -11.03 -9.28 -11.72
C VAL B 499 -12.14 -9.14 -12.78
N GLU B 500 -11.77 -9.11 -14.04
CA GLU B 500 -12.76 -8.95 -15.12
C GLU B 500 -13.72 -10.13 -15.13
N ALA B 501 -13.17 -11.34 -15.08
CA ALA B 501 -13.99 -12.55 -15.11
C ALA B 501 -14.91 -12.59 -13.88
N SER B 502 -14.39 -12.19 -12.72
CA SER B 502 -15.14 -12.25 -11.47
C SER B 502 -16.36 -11.35 -11.48
N LEU B 503 -16.33 -10.30 -12.30
CA LEU B 503 -17.39 -9.31 -12.31
C LEU B 503 -18.59 -9.79 -13.14
N ILE B 504 -18.38 -10.76 -14.04
CA ILE B 504 -19.47 -11.24 -14.88
C ILE B 504 -20.51 -11.87 -13.96
N GLY B 505 -21.77 -11.48 -14.12
CA GLY B 505 -22.85 -11.97 -13.30
C GLY B 505 -23.20 -11.12 -12.10
N THR B 506 -22.45 -10.05 -11.83
CA THR B 506 -22.73 -9.23 -10.65
C THR B 506 -24.06 -8.52 -10.82
N PRO B 507 -24.93 -8.62 -9.81
N PRO B 507 -24.98 -8.70 -9.87
CA PRO B 507 -26.18 -7.87 -9.90
CA PRO B 507 -26.20 -7.89 -9.93
C PRO B 507 -25.94 -6.42 -9.53
C PRO B 507 -25.97 -6.45 -9.51
N VAL B 508 -26.73 -5.52 -10.08
CA VAL B 508 -26.60 -4.11 -9.77
C VAL B 508 -28.02 -3.54 -9.50
N ALA B 509 -28.29 -3.21 -8.24
CA ALA B 509 -29.62 -2.77 -7.86
C ALA B 509 -29.90 -1.33 -8.32
N ASP B 510 -28.86 -0.50 -8.23
CA ASP B 510 -28.95 0.93 -8.57
C ASP B 510 -27.67 1.32 -9.31
N ALA B 511 -27.79 1.52 -10.62
CA ALA B 511 -26.64 1.82 -11.44
C ALA B 511 -25.95 3.13 -11.07
N LYS B 512 -26.65 4.04 -10.40
CA LYS B 512 -26.05 5.30 -9.90
C LYS B 512 -25.19 5.10 -8.66
N ARG B 513 -25.41 4.00 -7.97
CA ARG B 513 -24.71 3.66 -6.73
C ARG B 513 -24.25 2.20 -6.77
N PRO B 514 -23.30 1.89 -7.65
CA PRO B 514 -23.02 0.48 -7.99
C PRO B 514 -22.09 -0.22 -6.97
N VAL B 515 -22.61 -0.36 -5.77
CA VAL B 515 -21.80 -0.88 -4.67
C VAL B 515 -21.42 -2.34 -4.93
N GLU B 516 -22.23 -3.08 -5.66
CA GLU B 516 -21.94 -4.48 -5.92
C GLU B 516 -20.62 -4.65 -6.69
N ILE B 517 -20.39 -3.76 -7.65
N ILE B 517 -20.40 -3.75 -7.65
CA ILE B 517 -19.13 -3.76 -8.41
CA ILE B 517 -19.15 -3.72 -8.40
C ILE B 517 -17.98 -3.50 -7.44
C ILE B 517 -17.99 -3.51 -7.43
N LEU B 518 -18.12 -2.52 -6.56
CA LEU B 518 -17.09 -2.20 -5.59
C LEU B 518 -16.81 -3.36 -4.65
N ARG B 519 -17.84 -4.09 -4.23
CA ARG B 519 -17.62 -5.18 -3.30
C ARG B 519 -16.68 -6.23 -3.87
N THR B 520 -16.91 -6.61 -5.12
CA THR B 520 -16.04 -7.59 -5.77
C THR B 520 -14.67 -6.99 -6.07
N VAL B 521 -14.60 -5.80 -6.65
CA VAL B 521 -13.29 -5.20 -6.96
C VAL B 521 -12.46 -5.07 -5.67
N HIS B 522 -13.07 -4.51 -4.63
CA HIS B 522 -12.37 -4.32 -3.38
C HIS B 522 -11.94 -5.64 -2.75
N SER B 523 -12.68 -6.73 -3.00
CA SER B 523 -12.31 -8.01 -2.39
C SER B 523 -10.94 -8.49 -2.85
N PHE B 524 -10.48 -8.05 -4.03
CA PHE B 524 -9.14 -8.36 -4.51
C PHE B 524 -8.06 -7.46 -3.90
N ASP B 525 -8.47 -6.38 -3.23
CA ASP B 525 -7.52 -5.42 -2.62
C ASP B 525 -6.58 -4.84 -3.69
N PRO B 526 -7.15 -4.15 -4.68
CA PRO B 526 -6.33 -3.65 -5.78
C PRO B 526 -5.25 -2.64 -5.34
N CYS B 527 -4.10 -2.73 -6.01
CA CYS B 527 -3.02 -1.83 -5.84
C CYS B 527 -2.43 -1.45 -7.13
N ILE B 528 -2.83 -0.30 -7.66
CA ILE B 528 -2.57 0.04 -9.06
C ILE B 528 -1.15 0.58 -9.25
N ALA B 529 -0.60 1.28 -8.28
CA ALA B 529 0.80 1.68 -8.35
C ALA B 529 1.68 0.42 -8.38
N CYS B 530 1.32 -0.58 -7.58
CA CYS B 530 1.91 -1.91 -7.68
C CYS B 530 1.75 -2.50 -9.06
N GLY B 531 0.52 -2.56 -9.54
CA GLY B 531 0.29 -3.30 -10.76
C GLY B 531 1.02 -2.76 -11.98
N VAL B 532 1.13 -1.44 -12.05
CA VAL B 532 1.74 -0.79 -13.21
C VAL B 532 3.22 -0.42 -13.01
N HIS B 533 3.57 0.13 -11.84
CA HIS B 533 4.92 0.62 -11.58
C HIS B 533 5.43 1.47 -12.77
FE1 SF4 C . 5.56 7.64 -2.48
FE2 SF4 C . 6.29 9.92 -3.67
FE3 SF4 C . 7.81 8.93 -1.76
FE4 SF4 C . 5.35 9.97 -1.09
S1 SF4 C . 7.13 11.14 -1.90
S2 SF4 C . 6.32 8.00 -0.30
S3 SF4 C . 4.16 9.43 -3.03
S4 SF4 C . 7.35 7.89 -3.81
FE1 SF4 D . 26.26 12.14 9.71
FE2 SF4 D . 25.19 9.93 8.61
FE3 SF4 D . 25.08 10.35 11.26
FE4 SF4 D . 27.51 9.78 10.12
S1 SF4 D . 25.70 8.35 10.28
S2 SF4 D . 27.11 11.35 11.72
S3 SF4 D . 27.23 10.85 8.08
S4 SF4 D . 24.00 11.60 9.60
FE1 F3S E . 17.29 10.49 5.45
FE3 F3S E . 15.19 11.06 7.06
FE4 F3S E . 14.77 10.34 4.49
S1 F3S E . 17.01 9.91 7.60
S2 F3S E . 16.46 8.91 4.00
S3 F3S E . 15.85 12.26 5.21
S4 F3S E . 13.50 9.74 6.26
C1 MPD F . 11.57 23.80 -5.66
C2 MPD F . 10.39 24.76 -5.84
O2 MPD F . 9.19 24.00 -5.64
CM MPD F . 10.36 25.84 -4.78
C3 MPD F . 10.47 25.35 -7.26
C4 MPD F . 9.45 26.42 -7.63
O4 MPD F . 9.87 27.67 -7.09
C5 MPD F . 9.38 26.52 -9.15
C1 MPD G . 29.74 17.65 7.16
C2 MPD G . 30.12 18.60 6.04
O2 MPD G . 28.95 19.05 5.31
CM MPD G . 30.80 19.84 6.61
C3 MPD G . 31.11 17.97 5.07
C4 MPD G . 30.57 16.80 4.24
O4 MPD G . 29.44 17.21 3.50
C5 MPD G . 31.68 16.40 3.28
C1 MPD H . 25.04 0.58 18.98
C2 MPD H . 24.00 0.13 17.94
O2 MPD H . 24.70 -0.18 16.71
CM MPD H . 23.29 -1.16 18.38
C3 MPD H . 23.00 1.25 17.61
C4 MPD H . 22.15 1.82 18.73
O4 MPD H . 22.90 2.78 19.43
C5 MPD H . 20.94 2.56 18.16
C1 MPD I . -18.96 33.01 5.35
C2 MPD I . -18.04 33.06 4.16
O2 MPD I . -18.40 31.97 3.25
CM MPD I . -18.12 34.39 3.45
C3 MPD I . -16.63 33.05 4.72
C4 MPD I . -15.52 32.48 3.85
O4 MPD I . -15.35 33.16 2.63
C5 MPD I . -14.25 32.72 4.68
C1 MPD J . -14.62 7.98 18.43
C2 MPD J . -14.18 8.39 19.82
O2 MPD J . -13.73 9.76 19.76
CM MPD J . -15.38 8.23 20.75
C3 MPD J . -13.04 7.56 20.38
C4 MPD J . -12.01 7.18 19.33
O4 MPD J . -11.09 8.24 19.22
C5 MPD J . -11.30 5.93 19.85
C1 MPD K . -9.78 26.93 3.76
C2 MPD K . -9.78 27.63 5.11
O2 MPD K . -11.08 27.56 5.78
CM MPD K . -8.70 26.97 5.95
C3 MPD K . -9.50 29.10 4.96
C4 MPD K . -9.50 29.85 6.30
O4 MPD K . -10.78 29.71 6.89
C5 MPD K . -8.44 29.33 7.28
FE NWN L . 1.58 -4.58 -3.67
NI NWN L . 0.88 -2.15 -3.18
C1 NWN L . 0.43 -5.29 -4.96
N1 NWN L . -0.31 -5.69 -5.74
C2 NWN L . 0.94 -5.79 -2.35
N2 NWN L . 0.61 -6.56 -1.51
C3 NWN L . 2.83 -5.72 -3.99
O3 NWN L . 3.68 -6.51 -4.18
H NWN L . 0.24 -3.59 -3.24
MG MG M . 6.53 -4.98 -14.72
C1 MPD N . -0.53 2.54 -34.17
C2 MPD N . -1.74 3.20 -34.80
O2 MPD N . -1.70 2.88 -36.23
CM MPD N . -3.01 2.60 -34.22
C3 MPD N . -1.75 4.72 -34.63
C4 MPD N . -0.70 5.41 -33.75
O4 MPD N . 0.64 5.01 -33.98
C5 MPD N . -0.77 6.92 -33.97
C1 MPD O . -11.58 -27.87 -1.23
C2 MPD O . -10.66 -26.68 -1.01
O2 MPD O . -9.30 -27.18 -1.04
CM MPD O . -10.85 -25.72 -2.17
C3 MPD O . -10.84 -25.90 0.31
C4 MPD O . -11.89 -26.36 1.31
O4 MPD O . -12.07 -27.75 1.34
C5 MPD O . -11.63 -25.80 2.71
C TRS P . -30.53 -8.65 9.15
C1 TRS P . -29.09 -9.07 8.86
C2 TRS P . -31.34 -9.66 9.96
C3 TRS P . -31.28 -8.28 7.88
N TRS P . -30.54 -7.48 10.05
O1 TRS P . -28.97 -10.46 8.57
O2 TRS P . -30.83 -10.95 10.12
O3 TRS P . -32.69 -8.41 8.08
#